data_1KIS
# 
_entry.id   1KIS 
# 
_audit_conform.dict_name       mmcif_pdbx.dic 
_audit_conform.dict_version    5.391 
_audit_conform.dict_location   http://mmcif.pdb.org/dictionaries/ascii/mmcif_pdbx.dic 
# 
loop_
_database_2.database_id 
_database_2.database_code 
_database_2.pdbx_database_accession 
_database_2.pdbx_DOI 
PDB   1KIS         pdb_00001kis 10.2210/pdb1kis/pdb 
WWPDB D_1000174442 ?            ?                   
# 
loop_
_pdbx_audit_revision_history.ordinal 
_pdbx_audit_revision_history.data_content_type 
_pdbx_audit_revision_history.major_revision 
_pdbx_audit_revision_history.minor_revision 
_pdbx_audit_revision_history.revision_date 
1 'Structure model' 1 0 1997-10-15 
2 'Structure model' 1 1 2008-03-03 
3 'Structure model' 1 2 2011-07-13 
4 'Structure model' 1 3 2019-08-21 
5 'Structure model' 1 4 2024-05-01 
# 
_pdbx_audit_revision_details.ordinal             1 
_pdbx_audit_revision_details.revision_ordinal    1 
_pdbx_audit_revision_details.data_content_type   'Structure model' 
_pdbx_audit_revision_details.provider            repository 
_pdbx_audit_revision_details.type                'Initial release' 
_pdbx_audit_revision_details.description         ? 
_pdbx_audit_revision_details.details             ? 
# 
loop_
_pdbx_audit_revision_group.ordinal 
_pdbx_audit_revision_group.revision_ordinal 
_pdbx_audit_revision_group.data_content_type 
_pdbx_audit_revision_group.group 
1  2 'Structure model' 'Version format compliance' 
2  3 'Structure model' 'Version format compliance' 
3  4 'Structure model' 'Data collection'           
4  4 'Structure model' 'Database references'       
5  4 'Structure model' 'Derived calculations'      
6  4 'Structure model' Other                       
7  4 'Structure model' 'Refinement description'    
8  4 'Structure model' 'Source and taxonomy'       
9  4 'Structure model' 'Structure summary'         
10 5 'Structure model' 'Data collection'           
11 5 'Structure model' 'Database references'       
# 
loop_
_pdbx_audit_revision_category.ordinal 
_pdbx_audit_revision_category.revision_ordinal 
_pdbx_audit_revision_category.data_content_type 
_pdbx_audit_revision_category.category 
1  4 'Structure model' audit_author                 
2  4 'Structure model' citation_author              
3  4 'Structure model' entity                       
4  4 'Structure model' ndb_struct_conf_na           
5  4 'Structure model' ndb_struct_na_base_pair      
6  4 'Structure model' ndb_struct_na_base_pair_step 
7  4 'Structure model' pdbx_database_status         
8  4 'Structure model' pdbx_entity_src_syn          
9  4 'Structure model' pdbx_nmr_ensemble            
10 4 'Structure model' pdbx_nmr_refine              
11 4 'Structure model' pdbx_nmr_representative      
12 4 'Structure model' pdbx_nmr_spectrometer        
13 4 'Structure model' pdbx_struct_assembly         
14 4 'Structure model' pdbx_struct_assembly_prop    
15 4 'Structure model' pdbx_struct_oper_list        
16 4 'Structure model' struct_conn                  
17 5 'Structure model' chem_comp_atom               
18 5 'Structure model' chem_comp_bond               
19 5 'Structure model' database_2                   
# 
loop_
_pdbx_audit_revision_item.ordinal 
_pdbx_audit_revision_item.revision_ordinal 
_pdbx_audit_revision_item.data_content_type 
_pdbx_audit_revision_item.item 
1  4 'Structure model' '_audit_author.name'                              
2  4 'Structure model' '_citation_author.name'                           
3  4 'Structure model' '_entity.details'                                 
4  4 'Structure model' '_entity.pdbx_fragment'                           
5  4 'Structure model' '_ndb_struct_conf_na.feature'                     
6  4 'Structure model' '_pdbx_database_status.process_site'              
7  4 'Structure model' '_pdbx_entity_src_syn.details'                    
8  4 'Structure model' '_pdbx_entity_src_syn.ncbi_taxonomy_id'           
9  4 'Structure model' '_pdbx_entity_src_syn.organism_scientific'        
10 4 'Structure model' '_pdbx_nmr_ensemble.conformer_selection_criteria' 
11 4 'Structure model' '_pdbx_nmr_refine.details'                        
12 4 'Structure model' '_pdbx_nmr_refine.method'                         
13 4 'Structure model' '_pdbx_nmr_spectrometer.field_strength'           
14 4 'Structure model' '_pdbx_nmr_spectrometer.model'                    
15 5 'Structure model' '_database_2.pdbx_DOI'                            
16 5 'Structure model' '_database_2.pdbx_database_accession'             
# 
_pdbx_database_status.status_code                     REL 
_pdbx_database_status.entry_id                        1KIS 
_pdbx_database_status.recvd_initial_deposition_date   1997-06-11 
_pdbx_database_status.deposit_site                    ? 
_pdbx_database_status.process_site                    BNL 
_pdbx_database_status.status_code_sf                  ? 
_pdbx_database_status.status_code_mr                  REL 
_pdbx_database_status.SG_entry                        ? 
_pdbx_database_status.pdb_format_compatible           Y 
_pdbx_database_status.status_code_cs                  ? 
_pdbx_database_status.methods_development_category    ? 
_pdbx_database_status.status_code_nmr_data            ? 
# 
loop_
_audit_author.name 
_audit_author.pdbx_ordinal 
_audit_author.identifier_ORCID 
'Chang, K.Y.'   1 ? 
'Tinoco Jr, I.' 2 ? 
# 
loop_
_citation.id 
_citation.title 
_citation.journal_abbrev 
_citation.journal_volume 
_citation.page_first 
_citation.page_last 
_citation.year 
_citation.journal_id_ASTM 
_citation.country 
_citation.journal_id_ISSN 
_citation.journal_id_CSD 
_citation.book_publisher 
_citation.pdbx_database_id_PubMed 
_citation.pdbx_database_id_DOI 
primary 
;The structure of an RNA "kissing" hairpin complex of the HIV TAR hairpin loop and its complement.
;
J.Mol.Biol.            269 52   66 1997 JMOBAK UK 0022-2836 0070 ? 9193000 10.1006/jmbi.1997.1021 
1       
;Characterization of a "Kissing" Hairpin Complex Derived from the Human Immunodeficiency Virus Genome
;
Proc.Natl.Acad.Sci.USA 91  8705 ?  1994 PNASA6 US 0027-8424 0040 ? ?       ?                      
# 
loop_
_citation_author.citation_id 
_citation_author.name 
_citation_author.ordinal 
_citation_author.identifier_ORCID 
primary 'Chang, K.Y.'    1 ? 
primary 'Tinoco Jr., I.' 2 ? 
1       'Chang, K.Y.'    3 ? 
1       'Tinoco Jr, I.'  4 ? 
# 
loop_
_entity.id 
_entity.type 
_entity.src_method 
_entity.pdbx_description 
_entity.formula_weight 
_entity.pdbx_number_of_molecules 
_entity.pdbx_ec 
_entity.pdbx_mutation 
_entity.pdbx_fragment 
_entity.details 
1 polymer syn 
;RNA (5'-R(*GP*AP*GP*CP*CP*CP*UP*GP*GP*GP*AP*GP*GP*CP*UP*C)-3')
;
5168.135 1 ? ? 'TRANSCRIPTIONAL ACTIVATION RESPONSE (TAR) REGION' ? 
2 polymer syn 
;RNA (5'-R(*GP*CP*UP*GP*UP*UP*CP*CP*CP*AP*GP*AP*CP*AP*GP*C)-3')
;
5073.071 1 ? ? 'COMPLEMENTARY LOOP SEQUENCE (TAR*) REGION'        ? 
# 
loop_
_entity_poly.entity_id 
_entity_poly.type 
_entity_poly.nstd_linkage 
_entity_poly.nstd_monomer 
_entity_poly.pdbx_seq_one_letter_code 
_entity_poly.pdbx_seq_one_letter_code_can 
_entity_poly.pdbx_strand_id 
_entity_poly.pdbx_target_identifier 
1 polyribonucleotide no no GAGCCCUGGGAGGCUC GAGCCCUGGGAGGCUC A ? 
2 polyribonucleotide no no GCUGUUCCCAGACAGC GCUGUUCCCAGACAGC B ? 
# 
loop_
_entity_poly_seq.entity_id 
_entity_poly_seq.num 
_entity_poly_seq.mon_id 
_entity_poly_seq.hetero 
1 1  G n 
1 2  A n 
1 3  G n 
1 4  C n 
1 5  C n 
1 6  C n 
1 7  U n 
1 8  G n 
1 9  G n 
1 10 G n 
1 11 A n 
1 12 G n 
1 13 G n 
1 14 C n 
1 15 U n 
1 16 C n 
2 1  G n 
2 2  C n 
2 3  U n 
2 4  G n 
2 5  U n 
2 6  U n 
2 7  C n 
2 8  C n 
2 9  C n 
2 10 A n 
2 11 G n 
2 12 A n 
2 13 C n 
2 14 A n 
2 15 G n 
2 16 C n 
# 
loop_
_pdbx_entity_src_syn.entity_id 
_pdbx_entity_src_syn.pdbx_src_id 
_pdbx_entity_src_syn.pdbx_alt_source_flag 
_pdbx_entity_src_syn.pdbx_beg_seq_num 
_pdbx_entity_src_syn.pdbx_end_seq_num 
_pdbx_entity_src_syn.organism_scientific 
_pdbx_entity_src_syn.organism_common_name 
_pdbx_entity_src_syn.ncbi_taxonomy_id 
_pdbx_entity_src_syn.details 
1 1 sample ? ? 'synthetic construct' ? 32630 'THE OLIGONUCLEOTIDES WERE SYNTHESIZED ENZYMATICALLY.' 
2 1 sample ? ? 'synthetic construct' ? 32630 'THE OLIGONUCLEOTIDES WERE SYNTHESIZED ENZYMATICALLY.' 
# 
loop_
_chem_comp.id 
_chem_comp.type 
_chem_comp.mon_nstd_flag 
_chem_comp.name 
_chem_comp.pdbx_synonyms 
_chem_comp.formula 
_chem_comp.formula_weight 
A 'RNA linking' y "ADENOSINE-5'-MONOPHOSPHATE" ? 'C10 H14 N5 O7 P' 347.221 
C 'RNA linking' y "CYTIDINE-5'-MONOPHOSPHATE"  ? 'C9 H14 N3 O8 P'  323.197 
G 'RNA linking' y "GUANOSINE-5'-MONOPHOSPHATE" ? 'C10 H14 N5 O8 P' 363.221 
U 'RNA linking' y "URIDINE-5'-MONOPHOSPHATE"   ? 'C9 H13 N2 O9 P'  324.181 
# 
loop_
_pdbx_poly_seq_scheme.asym_id 
_pdbx_poly_seq_scheme.entity_id 
_pdbx_poly_seq_scheme.seq_id 
_pdbx_poly_seq_scheme.mon_id 
_pdbx_poly_seq_scheme.ndb_seq_num 
_pdbx_poly_seq_scheme.pdb_seq_num 
_pdbx_poly_seq_scheme.auth_seq_num 
_pdbx_poly_seq_scheme.pdb_mon_id 
_pdbx_poly_seq_scheme.auth_mon_id 
_pdbx_poly_seq_scheme.pdb_strand_id 
_pdbx_poly_seq_scheme.pdb_ins_code 
_pdbx_poly_seq_scheme.hetero 
A 1 1  G 1  1  1  G G A . n 
A 1 2  A 2  2  2  A A A . n 
A 1 3  G 3  3  3  G G A . n 
A 1 4  C 4  4  4  C C A . n 
A 1 5  C 5  5  5  C C A . n 
A 1 6  C 6  6  6  C C A . n 
A 1 7  U 7  7  7  U U A . n 
A 1 8  G 8  8  8  G G A . n 
A 1 9  G 9  9  9  G G A . n 
A 1 10 G 10 10 10 G G A . n 
A 1 11 A 11 11 11 A A A . n 
A 1 12 G 12 12 12 G G A . n 
A 1 13 G 13 13 13 G G A . n 
A 1 14 C 14 14 14 C C A . n 
A 1 15 U 15 15 15 U U A . n 
A 1 16 C 16 16 16 C C A . n 
B 2 1  G 1  17 17 G G B . n 
B 2 2  C 2  18 18 C C B . n 
B 2 3  U 3  19 19 U U B . n 
B 2 4  G 4  20 20 G G B . n 
B 2 5  U 5  21 21 U U B . n 
B 2 6  U 6  22 22 U U B . n 
B 2 7  C 7  23 23 C C B . n 
B 2 8  C 8  24 24 C C B . n 
B 2 9  C 9  25 25 C C B . n 
B 2 10 A 10 26 26 A A B . n 
B 2 11 G 11 27 27 G G B . n 
B 2 12 A 12 28 28 A A B . n 
B 2 13 C 13 29 29 C C B . n 
B 2 14 A 14 30 30 A A B . n 
B 2 15 G 15 31 31 G G B . n 
B 2 16 C 16 32 32 C C B . n 
# 
loop_
_software.name 
_software.classification 
_software.version 
_software.citation_id 
_software.pdbx_ordinal 
X-PLOR 'model building' 3.1 ? 1 
X-PLOR refinement       3.1 ? 2 
X-PLOR phasing          3.1 ? 3 
# 
_cell.entry_id           1KIS 
_cell.length_a           1.000 
_cell.length_b           1.000 
_cell.length_c           1.000 
_cell.angle_alpha        90.00 
_cell.angle_beta         90.00 
_cell.angle_gamma        90.00 
_cell.Z_PDB              1 
_cell.pdbx_unique_axis   ? 
# 
_symmetry.entry_id                         1KIS 
_symmetry.space_group_name_H-M             'P 1' 
_symmetry.pdbx_full_space_group_name_H-M   ? 
_symmetry.cell_setting                     ? 
_symmetry.Int_Tables_number                1 
# 
_exptl.entry_id          1KIS 
_exptl.method            'SOLUTION NMR' 
_exptl.crystals_number   ? 
# 
_struct.entry_id                  1KIS 
_struct.title                     
;TAR-TAR "KISSING" HAIRPIN COMPLEX DERIVED FROM THE HIV GENOME, NMR, 1 STRUCTURE
;
_struct.pdbx_model_details        ? 
_struct.pdbx_CASP_flag            ? 
_struct.pdbx_model_type_details   ? 
# 
_struct_keywords.entry_id        1KIS 
_struct_keywords.pdbx_keywords   RNA 
_struct_keywords.text            'RIBONUCLEIC ACID, RNA' 
# 
loop_
_struct_asym.id 
_struct_asym.pdbx_blank_PDB_chainid_flag 
_struct_asym.pdbx_modified 
_struct_asym.entity_id 
_struct_asym.details 
A N N 1 ? 
B N N 2 ? 
# 
loop_
_struct_ref.id 
_struct_ref.entity_id 
_struct_ref.db_name 
_struct_ref.db_code 
_struct_ref.pdbx_db_accession 
_struct_ref.pdbx_db_isoform 
_struct_ref.pdbx_seq_one_letter_code 
_struct_ref.pdbx_align_begin 
1 1 PDB 1KIS 1KIS ? ? ? 
2 2 PDB 1KIS 1KIS ? ? ? 
# 
loop_
_struct_ref_seq.align_id 
_struct_ref_seq.ref_id 
_struct_ref_seq.pdbx_PDB_id_code 
_struct_ref_seq.pdbx_strand_id 
_struct_ref_seq.seq_align_beg 
_struct_ref_seq.pdbx_seq_align_beg_ins_code 
_struct_ref_seq.seq_align_end 
_struct_ref_seq.pdbx_seq_align_end_ins_code 
_struct_ref_seq.pdbx_db_accession 
_struct_ref_seq.db_align_beg 
_struct_ref_seq.pdbx_db_align_beg_ins_code 
_struct_ref_seq.db_align_end 
_struct_ref_seq.pdbx_db_align_end_ins_code 
_struct_ref_seq.pdbx_auth_seq_align_beg 
_struct_ref_seq.pdbx_auth_seq_align_end 
1 1 1KIS A 1 ? 16 ? 1KIS 1  ? 16 ? 1  16 
2 2 1KIS B 1 ? 16 ? 1KIS 17 ? 32 ? 17 32 
# 
_pdbx_struct_assembly.id                   1 
_pdbx_struct_assembly.details              author_defined_assembly 
_pdbx_struct_assembly.method_details       ? 
_pdbx_struct_assembly.oligomeric_details   dimeric 
_pdbx_struct_assembly.oligomeric_count     2 
# 
loop_
_pdbx_struct_assembly_prop.biol_id 
_pdbx_struct_assembly_prop.type 
_pdbx_struct_assembly_prop.value 
_pdbx_struct_assembly_prop.details 
1 'ABSA (A^2)' 850  ? 
1 MORE         -3   ? 
1 'SSA (A^2)'  5990 ? 
# 
_pdbx_struct_assembly_gen.assembly_id       1 
_pdbx_struct_assembly_gen.oper_expression   1 
_pdbx_struct_assembly_gen.asym_id_list      A,B 
# 
_pdbx_struct_oper_list.id                   1 
_pdbx_struct_oper_list.type                 'identity operation' 
_pdbx_struct_oper_list.name                 1_555 
_pdbx_struct_oper_list.symmetry_operation   ? 
_pdbx_struct_oper_list.matrix[1][1]         1.0000000000 
_pdbx_struct_oper_list.matrix[1][2]         0.0000000000 
_pdbx_struct_oper_list.matrix[1][3]         0.0000000000 
_pdbx_struct_oper_list.vector[1]            0.0000000000 
_pdbx_struct_oper_list.matrix[2][1]         0.0000000000 
_pdbx_struct_oper_list.matrix[2][2]         1.0000000000 
_pdbx_struct_oper_list.matrix[2][3]         0.0000000000 
_pdbx_struct_oper_list.vector[2]            0.0000000000 
_pdbx_struct_oper_list.matrix[3][1]         0.0000000000 
_pdbx_struct_oper_list.matrix[3][2]         0.0000000000 
_pdbx_struct_oper_list.matrix[3][3]         1.0000000000 
_pdbx_struct_oper_list.vector[3]            0.0000000000 
# 
loop_
_struct_conn.id 
_struct_conn.conn_type_id 
_struct_conn.pdbx_leaving_atom_flag 
_struct_conn.pdbx_PDB_id 
_struct_conn.ptnr1_label_asym_id 
_struct_conn.ptnr1_label_comp_id 
_struct_conn.ptnr1_label_seq_id 
_struct_conn.ptnr1_label_atom_id 
_struct_conn.pdbx_ptnr1_label_alt_id 
_struct_conn.pdbx_ptnr1_PDB_ins_code 
_struct_conn.pdbx_ptnr1_standard_comp_id 
_struct_conn.ptnr1_symmetry 
_struct_conn.ptnr2_label_asym_id 
_struct_conn.ptnr2_label_comp_id 
_struct_conn.ptnr2_label_seq_id 
_struct_conn.ptnr2_label_atom_id 
_struct_conn.pdbx_ptnr2_label_alt_id 
_struct_conn.pdbx_ptnr2_PDB_ins_code 
_struct_conn.ptnr1_auth_asym_id 
_struct_conn.ptnr1_auth_comp_id 
_struct_conn.ptnr1_auth_seq_id 
_struct_conn.ptnr2_auth_asym_id 
_struct_conn.ptnr2_auth_comp_id 
_struct_conn.ptnr2_auth_seq_id 
_struct_conn.ptnr2_symmetry 
_struct_conn.pdbx_ptnr3_label_atom_id 
_struct_conn.pdbx_ptnr3_label_seq_id 
_struct_conn.pdbx_ptnr3_label_comp_id 
_struct_conn.pdbx_ptnr3_label_asym_id 
_struct_conn.pdbx_ptnr3_label_alt_id 
_struct_conn.pdbx_ptnr3_PDB_ins_code 
_struct_conn.details 
_struct_conn.pdbx_dist_value 
_struct_conn.pdbx_value_order 
_struct_conn.pdbx_role 
hydrog1  hydrog ? ? A G 1  N1 ? ? ? 1_555 A C 16 N3 ? ? A G 1  A C 16 1_555 ? ? ? ? ? ? WATSON-CRICK ? ? ? 
hydrog2  hydrog ? ? A G 1  N2 ? ? ? 1_555 A C 16 O2 ? ? A G 1  A C 16 1_555 ? ? ? ? ? ? WATSON-CRICK ? ? ? 
hydrog3  hydrog ? ? A G 1  O6 ? ? ? 1_555 A C 16 N4 ? ? A G 1  A C 16 1_555 ? ? ? ? ? ? WATSON-CRICK ? ? ? 
hydrog4  hydrog ? ? A A 2  N1 ? ? ? 1_555 A U 15 N3 ? ? A A 2  A U 15 1_555 ? ? ? ? ? ? WATSON-CRICK ? ? ? 
hydrog5  hydrog ? ? A A 2  N6 ? ? ? 1_555 A U 15 O4 ? ? A A 2  A U 15 1_555 ? ? ? ? ? ? WATSON-CRICK ? ? ? 
hydrog6  hydrog ? ? A G 3  N1 ? ? ? 1_555 A C 14 N3 ? ? A G 3  A C 14 1_555 ? ? ? ? ? ? WATSON-CRICK ? ? ? 
hydrog7  hydrog ? ? A G 3  N2 ? ? ? 1_555 A C 14 O2 ? ? A G 3  A C 14 1_555 ? ? ? ? ? ? WATSON-CRICK ? ? ? 
hydrog8  hydrog ? ? A G 3  O6 ? ? ? 1_555 A C 14 N4 ? ? A G 3  A C 14 1_555 ? ? ? ? ? ? WATSON-CRICK ? ? ? 
hydrog9  hydrog ? ? A C 4  N3 ? ? ? 1_555 A G 13 N1 ? ? A C 4  A G 13 1_555 ? ? ? ? ? ? WATSON-CRICK ? ? ? 
hydrog10 hydrog ? ? A C 4  N4 ? ? ? 1_555 A G 13 O6 ? ? A C 4  A G 13 1_555 ? ? ? ? ? ? WATSON-CRICK ? ? ? 
hydrog11 hydrog ? ? A C 4  O2 ? ? ? 1_555 A G 13 N2 ? ? A C 4  A G 13 1_555 ? ? ? ? ? ? WATSON-CRICK ? ? ? 
hydrog12 hydrog ? ? A C 5  N3 ? ? ? 1_555 A G 12 N1 ? ? A C 5  A G 12 1_555 ? ? ? ? ? ? WATSON-CRICK ? ? ? 
hydrog13 hydrog ? ? A C 5  N4 ? ? ? 1_555 A G 12 O6 ? ? A C 5  A G 12 1_555 ? ? ? ? ? ? WATSON-CRICK ? ? ? 
hydrog14 hydrog ? ? A C 5  O2 ? ? ? 1_555 A G 12 N2 ? ? A C 5  A G 12 1_555 ? ? ? ? ? ? WATSON-CRICK ? ? ? 
hydrog15 hydrog ? ? A C 6  N3 ? ? ? 1_555 B G 11 N1 ? ? A C 6  B G 27 1_555 ? ? ? ? ? ? WATSON-CRICK ? ? ? 
hydrog16 hydrog ? ? A C 6  N4 ? ? ? 1_555 B G 11 O6 ? ? A C 6  B G 27 1_555 ? ? ? ? ? ? WATSON-CRICK ? ? ? 
hydrog17 hydrog ? ? A C 6  O2 ? ? ? 1_555 B G 11 N2 ? ? A C 6  B G 27 1_555 ? ? ? ? ? ? WATSON-CRICK ? ? ? 
hydrog18 hydrog ? ? A U 7  N3 ? ? ? 1_555 B A 10 N1 ? ? A U 7  B A 26 1_555 ? ? ? ? ? ? WATSON-CRICK ? ? ? 
hydrog19 hydrog ? ? A U 7  O4 ? ? ? 1_555 B A 10 N6 ? ? A U 7  B A 26 1_555 ? ? ? ? ? ? WATSON-CRICK ? ? ? 
hydrog20 hydrog ? ? A G 8  O6 ? ? ? 1_555 B C 8  N4 ? ? A G 8  B C 24 1_555 ? ? ? ? ? ? 'G-C PAIR'   ? ? ? 
hydrog21 hydrog ? ? A G 8  N1 ? ? ? 1_555 B C 9  N3 ? ? A G 8  B C 25 1_555 ? ? ? ? ? ? WATSON-CRICK ? ? ? 
hydrog22 hydrog ? ? A G 8  N2 ? ? ? 1_555 B C 9  O2 ? ? A G 8  B C 25 1_555 ? ? ? ? ? ? WATSON-CRICK ? ? ? 
hydrog23 hydrog ? ? A G 8  O6 ? ? ? 1_555 B C 9  N4 ? ? A G 8  B C 25 1_555 ? ? ? ? ? ? WATSON-CRICK ? ? ? 
hydrog24 hydrog ? ? A G 9  N1 ? ? ? 1_555 B C 8  N3 ? ? A G 9  B C 24 1_555 ? ? ? ? ? ? WATSON-CRICK ? ? ? 
hydrog25 hydrog ? ? A G 9  N2 ? ? ? 1_555 B C 8  O2 ? ? A G 9  B C 24 1_555 ? ? ? ? ? ? WATSON-CRICK ? ? ? 
hydrog26 hydrog ? ? A G 9  O6 ? ? ? 1_555 B C 8  N4 ? ? A G 9  B C 24 1_555 ? ? ? ? ? ? WATSON-CRICK ? ? ? 
hydrog27 hydrog ? ? A G 10 N1 ? ? ? 1_555 B C 7  N3 ? ? A G 10 B C 23 1_555 ? ? ? ? ? ? WATSON-CRICK ? ? ? 
hydrog28 hydrog ? ? A G 10 N2 ? ? ? 1_555 B C 7  O2 ? ? A G 10 B C 23 1_555 ? ? ? ? ? ? WATSON-CRICK ? ? ? 
hydrog29 hydrog ? ? A G 10 O6 ? ? ? 1_555 B C 7  N4 ? ? A G 10 B C 23 1_555 ? ? ? ? ? ? WATSON-CRICK ? ? ? 
hydrog30 hydrog ? ? A A 11 N1 ? ? ? 1_555 B U 6  N3 ? ? A A 11 B U 22 1_555 ? ? ? ? ? ? WATSON-CRICK ? ? ? 
hydrog31 hydrog ? ? A A 11 N6 ? ? ? 1_555 B U 6  O4 ? ? A A 11 B U 22 1_555 ? ? ? ? ? ? WATSON-CRICK ? ? ? 
hydrog32 hydrog ? ? B G 1  N1 ? ? ? 1_555 B C 16 N3 ? ? B G 17 B C 32 1_555 ? ? ? ? ? ? WATSON-CRICK ? ? ? 
hydrog33 hydrog ? ? B G 1  N2 ? ? ? 1_555 B C 16 O2 ? ? B G 17 B C 32 1_555 ? ? ? ? ? ? WATSON-CRICK ? ? ? 
hydrog34 hydrog ? ? B G 1  O6 ? ? ? 1_555 B C 16 N4 ? ? B G 17 B C 32 1_555 ? ? ? ? ? ? WATSON-CRICK ? ? ? 
hydrog35 hydrog ? ? B C 2  N3 ? ? ? 1_555 B G 15 N1 ? ? B C 18 B G 31 1_555 ? ? ? ? ? ? WATSON-CRICK ? ? ? 
hydrog36 hydrog ? ? B C 2  N4 ? ? ? 1_555 B G 15 O6 ? ? B C 18 B G 31 1_555 ? ? ? ? ? ? WATSON-CRICK ? ? ? 
hydrog37 hydrog ? ? B C 2  O2 ? ? ? 1_555 B G 15 N2 ? ? B C 18 B G 31 1_555 ? ? ? ? ? ? WATSON-CRICK ? ? ? 
hydrog38 hydrog ? ? B U 3  N3 ? ? ? 1_555 B A 14 N1 ? ? B U 19 B A 30 1_555 ? ? ? ? ? ? WATSON-CRICK ? ? ? 
hydrog39 hydrog ? ? B U 3  O4 ? ? ? 1_555 B A 14 N6 ? ? B U 19 B A 30 1_555 ? ? ? ? ? ? WATSON-CRICK ? ? ? 
hydrog40 hydrog ? ? B G 4  N1 ? ? ? 1_555 B C 13 N3 ? ? B G 20 B C 29 1_555 ? ? ? ? ? ? WATSON-CRICK ? ? ? 
hydrog41 hydrog ? ? B G 4  N2 ? ? ? 1_555 B C 13 O2 ? ? B G 20 B C 29 1_555 ? ? ? ? ? ? WATSON-CRICK ? ? ? 
hydrog42 hydrog ? ? B G 4  O6 ? ? ? 1_555 B C 13 N4 ? ? B G 20 B C 29 1_555 ? ? ? ? ? ? WATSON-CRICK ? ? ? 
hydrog43 hydrog ? ? B U 5  N3 ? ? ? 1_555 B A 12 N1 ? ? B U 21 B A 28 1_555 ? ? ? ? ? ? WATSON-CRICK ? ? ? 
hydrog44 hydrog ? ? B U 5  O4 ? ? ? 1_555 B A 12 N6 ? ? B U 21 B A 28 1_555 ? ? ? ? ? ? WATSON-CRICK ? ? ? 
# 
_struct_conn_type.id          hydrog 
_struct_conn_type.criteria    ? 
_struct_conn_type.reference   ? 
# 
_pdbx_nmr_ensemble.entry_id                             1KIS 
_pdbx_nmr_ensemble.conformers_calculated_total_number   17 
_pdbx_nmr_ensemble.conformers_submitted_total_number    1 
_pdbx_nmr_ensemble.conformer_selection_criteria         'structures with the lowest energy' 
# 
_pdbx_nmr_representative.conformer_id         1 
_pdbx_nmr_representative.entry_id             1KIS 
_pdbx_nmr_representative.selection_criteria   'lowest energy' 
# 
_pdbx_nmr_refine.entry_id           1KIS 
_pdbx_nmr_refine.method             'simulated annealing' 
_pdbx_nmr_refine.details            
'simulated annealing-restrained molecular dynamics protocol followed by an energy minimization step' 
_pdbx_nmr_refine.software_ordinal   1 
# 
_pdbx_nmr_software.classification   refinement 
_pdbx_nmr_software.name             X-PLOR 
_pdbx_nmr_software.version          3.1 
_pdbx_nmr_software.authors          BRUNGER 
_pdbx_nmr_software.ordinal          1 
# 
loop_
_chem_comp_atom.comp_id 
_chem_comp_atom.atom_id 
_chem_comp_atom.type_symbol 
_chem_comp_atom.pdbx_aromatic_flag 
_chem_comp_atom.pdbx_stereo_config 
_chem_comp_atom.pdbx_ordinal 
A OP3    O N N 1   
A P      P N N 2   
A OP1    O N N 3   
A OP2    O N N 4   
A "O5'"  O N N 5   
A "C5'"  C N N 6   
A "C4'"  C N R 7   
A "O4'"  O N N 8   
A "C3'"  C N S 9   
A "O3'"  O N N 10  
A "C2'"  C N R 11  
A "O2'"  O N N 12  
A "C1'"  C N R 13  
A N9     N Y N 14  
A C8     C Y N 15  
A N7     N Y N 16  
A C5     C Y N 17  
A C6     C Y N 18  
A N6     N N N 19  
A N1     N Y N 20  
A C2     C Y N 21  
A N3     N Y N 22  
A C4     C Y N 23  
A HOP3   H N N 24  
A HOP2   H N N 25  
A "H5'"  H N N 26  
A "H5''" H N N 27  
A "H4'"  H N N 28  
A "H3'"  H N N 29  
A "HO3'" H N N 30  
A "H2'"  H N N 31  
A "HO2'" H N N 32  
A "H1'"  H N N 33  
A H8     H N N 34  
A H61    H N N 35  
A H62    H N N 36  
A H2     H N N 37  
C OP3    O N N 38  
C P      P N N 39  
C OP1    O N N 40  
C OP2    O N N 41  
C "O5'"  O N N 42  
C "C5'"  C N N 43  
C "C4'"  C N R 44  
C "O4'"  O N N 45  
C "C3'"  C N S 46  
C "O3'"  O N N 47  
C "C2'"  C N R 48  
C "O2'"  O N N 49  
C "C1'"  C N R 50  
C N1     N N N 51  
C C2     C N N 52  
C O2     O N N 53  
C N3     N N N 54  
C C4     C N N 55  
C N4     N N N 56  
C C5     C N N 57  
C C6     C N N 58  
C HOP3   H N N 59  
C HOP2   H N N 60  
C "H5'"  H N N 61  
C "H5''" H N N 62  
C "H4'"  H N N 63  
C "H3'"  H N N 64  
C "HO3'" H N N 65  
C "H2'"  H N N 66  
C "HO2'" H N N 67  
C "H1'"  H N N 68  
C H41    H N N 69  
C H42    H N N 70  
C H5     H N N 71  
C H6     H N N 72  
G OP3    O N N 73  
G P      P N N 74  
G OP1    O N N 75  
G OP2    O N N 76  
G "O5'"  O N N 77  
G "C5'"  C N N 78  
G "C4'"  C N R 79  
G "O4'"  O N N 80  
G "C3'"  C N S 81  
G "O3'"  O N N 82  
G "C2'"  C N R 83  
G "O2'"  O N N 84  
G "C1'"  C N R 85  
G N9     N Y N 86  
G C8     C Y N 87  
G N7     N Y N 88  
G C5     C Y N 89  
G C6     C N N 90  
G O6     O N N 91  
G N1     N N N 92  
G C2     C N N 93  
G N2     N N N 94  
G N3     N N N 95  
G C4     C Y N 96  
G HOP3   H N N 97  
G HOP2   H N N 98  
G "H5'"  H N N 99  
G "H5''" H N N 100 
G "H4'"  H N N 101 
G "H3'"  H N N 102 
G "HO3'" H N N 103 
G "H2'"  H N N 104 
G "HO2'" H N N 105 
G "H1'"  H N N 106 
G H8     H N N 107 
G H1     H N N 108 
G H21    H N N 109 
G H22    H N N 110 
U OP3    O N N 111 
U P      P N N 112 
U OP1    O N N 113 
U OP2    O N N 114 
U "O5'"  O N N 115 
U "C5'"  C N N 116 
U "C4'"  C N R 117 
U "O4'"  O N N 118 
U "C3'"  C N S 119 
U "O3'"  O N N 120 
U "C2'"  C N R 121 
U "O2'"  O N N 122 
U "C1'"  C N R 123 
U N1     N N N 124 
U C2     C N N 125 
U O2     O N N 126 
U N3     N N N 127 
U C4     C N N 128 
U O4     O N N 129 
U C5     C N N 130 
U C6     C N N 131 
U HOP3   H N N 132 
U HOP2   H N N 133 
U "H5'"  H N N 134 
U "H5''" H N N 135 
U "H4'"  H N N 136 
U "H3'"  H N N 137 
U "HO3'" H N N 138 
U "H2'"  H N N 139 
U "HO2'" H N N 140 
U "H1'"  H N N 141 
U H3     H N N 142 
U H5     H N N 143 
U H6     H N N 144 
# 
loop_
_chem_comp_bond.comp_id 
_chem_comp_bond.atom_id_1 
_chem_comp_bond.atom_id_2 
_chem_comp_bond.value_order 
_chem_comp_bond.pdbx_aromatic_flag 
_chem_comp_bond.pdbx_stereo_config 
_chem_comp_bond.pdbx_ordinal 
A OP3   P      sing N N 1   
A OP3   HOP3   sing N N 2   
A P     OP1    doub N N 3   
A P     OP2    sing N N 4   
A P     "O5'"  sing N N 5   
A OP2   HOP2   sing N N 6   
A "O5'" "C5'"  sing N N 7   
A "C5'" "C4'"  sing N N 8   
A "C5'" "H5'"  sing N N 9   
A "C5'" "H5''" sing N N 10  
A "C4'" "O4'"  sing N N 11  
A "C4'" "C3'"  sing N N 12  
A "C4'" "H4'"  sing N N 13  
A "O4'" "C1'"  sing N N 14  
A "C3'" "O3'"  sing N N 15  
A "C3'" "C2'"  sing N N 16  
A "C3'" "H3'"  sing N N 17  
A "O3'" "HO3'" sing N N 18  
A "C2'" "O2'"  sing N N 19  
A "C2'" "C1'"  sing N N 20  
A "C2'" "H2'"  sing N N 21  
A "O2'" "HO2'" sing N N 22  
A "C1'" N9     sing N N 23  
A "C1'" "H1'"  sing N N 24  
A N9    C8     sing Y N 25  
A N9    C4     sing Y N 26  
A C8    N7     doub Y N 27  
A C8    H8     sing N N 28  
A N7    C5     sing Y N 29  
A C5    C6     sing Y N 30  
A C5    C4     doub Y N 31  
A C6    N6     sing N N 32  
A C6    N1     doub Y N 33  
A N6    H61    sing N N 34  
A N6    H62    sing N N 35  
A N1    C2     sing Y N 36  
A C2    N3     doub Y N 37  
A C2    H2     sing N N 38  
A N3    C4     sing Y N 39  
C OP3   P      sing N N 40  
C OP3   HOP3   sing N N 41  
C P     OP1    doub N N 42  
C P     OP2    sing N N 43  
C P     "O5'"  sing N N 44  
C OP2   HOP2   sing N N 45  
C "O5'" "C5'"  sing N N 46  
C "C5'" "C4'"  sing N N 47  
C "C5'" "H5'"  sing N N 48  
C "C5'" "H5''" sing N N 49  
C "C4'" "O4'"  sing N N 50  
C "C4'" "C3'"  sing N N 51  
C "C4'" "H4'"  sing N N 52  
C "O4'" "C1'"  sing N N 53  
C "C3'" "O3'"  sing N N 54  
C "C3'" "C2'"  sing N N 55  
C "C3'" "H3'"  sing N N 56  
C "O3'" "HO3'" sing N N 57  
C "C2'" "O2'"  sing N N 58  
C "C2'" "C1'"  sing N N 59  
C "C2'" "H2'"  sing N N 60  
C "O2'" "HO2'" sing N N 61  
C "C1'" N1     sing N N 62  
C "C1'" "H1'"  sing N N 63  
C N1    C2     sing N N 64  
C N1    C6     sing N N 65  
C C2    O2     doub N N 66  
C C2    N3     sing N N 67  
C N3    C4     doub N N 68  
C C4    N4     sing N N 69  
C C4    C5     sing N N 70  
C N4    H41    sing N N 71  
C N4    H42    sing N N 72  
C C5    C6     doub N N 73  
C C5    H5     sing N N 74  
C C6    H6     sing N N 75  
G OP3   P      sing N N 76  
G OP3   HOP3   sing N N 77  
G P     OP1    doub N N 78  
G P     OP2    sing N N 79  
G P     "O5'"  sing N N 80  
G OP2   HOP2   sing N N 81  
G "O5'" "C5'"  sing N N 82  
G "C5'" "C4'"  sing N N 83  
G "C5'" "H5'"  sing N N 84  
G "C5'" "H5''" sing N N 85  
G "C4'" "O4'"  sing N N 86  
G "C4'" "C3'"  sing N N 87  
G "C4'" "H4'"  sing N N 88  
G "O4'" "C1'"  sing N N 89  
G "C3'" "O3'"  sing N N 90  
G "C3'" "C2'"  sing N N 91  
G "C3'" "H3'"  sing N N 92  
G "O3'" "HO3'" sing N N 93  
G "C2'" "O2'"  sing N N 94  
G "C2'" "C1'"  sing N N 95  
G "C2'" "H2'"  sing N N 96  
G "O2'" "HO2'" sing N N 97  
G "C1'" N9     sing N N 98  
G "C1'" "H1'"  sing N N 99  
G N9    C8     sing Y N 100 
G N9    C4     sing Y N 101 
G C8    N7     doub Y N 102 
G C8    H8     sing N N 103 
G N7    C5     sing Y N 104 
G C5    C6     sing N N 105 
G C5    C4     doub Y N 106 
G C6    O6     doub N N 107 
G C6    N1     sing N N 108 
G N1    C2     sing N N 109 
G N1    H1     sing N N 110 
G C2    N2     sing N N 111 
G C2    N3     doub N N 112 
G N2    H21    sing N N 113 
G N2    H22    sing N N 114 
G N3    C4     sing N N 115 
U OP3   P      sing N N 116 
U OP3   HOP3   sing N N 117 
U P     OP1    doub N N 118 
U P     OP2    sing N N 119 
U P     "O5'"  sing N N 120 
U OP2   HOP2   sing N N 121 
U "O5'" "C5'"  sing N N 122 
U "C5'" "C4'"  sing N N 123 
U "C5'" "H5'"  sing N N 124 
U "C5'" "H5''" sing N N 125 
U "C4'" "O4'"  sing N N 126 
U "C4'" "C3'"  sing N N 127 
U "C4'" "H4'"  sing N N 128 
U "O4'" "C1'"  sing N N 129 
U "C3'" "O3'"  sing N N 130 
U "C3'" "C2'"  sing N N 131 
U "C3'" "H3'"  sing N N 132 
U "O3'" "HO3'" sing N N 133 
U "C2'" "O2'"  sing N N 134 
U "C2'" "C1'"  sing N N 135 
U "C2'" "H2'"  sing N N 136 
U "O2'" "HO2'" sing N N 137 
U "C1'" N1     sing N N 138 
U "C1'" "H1'"  sing N N 139 
U N1    C2     sing N N 140 
U N1    C6     sing N N 141 
U C2    O2     doub N N 142 
U C2    N3     sing N N 143 
U N3    C4     sing N N 144 
U N3    H3     sing N N 145 
U C4    O4     doub N N 146 
U C4    C5     sing N N 147 
U C5    C6     doub N N 148 
U C5    H5     sing N N 149 
U C6    H6     sing N N 150 
# 
loop_
_ndb_struct_conf_na.entry_id 
_ndb_struct_conf_na.feature 
1KIS 'double helix'        
1KIS 'a-form double helix' 
1KIS 'hairpin loop'        
# 
loop_
_ndb_struct_na_base_pair.model_number 
_ndb_struct_na_base_pair.i_label_asym_id 
_ndb_struct_na_base_pair.i_label_comp_id 
_ndb_struct_na_base_pair.i_label_seq_id 
_ndb_struct_na_base_pair.i_symmetry 
_ndb_struct_na_base_pair.j_label_asym_id 
_ndb_struct_na_base_pair.j_label_comp_id 
_ndb_struct_na_base_pair.j_label_seq_id 
_ndb_struct_na_base_pair.j_symmetry 
_ndb_struct_na_base_pair.shear 
_ndb_struct_na_base_pair.stretch 
_ndb_struct_na_base_pair.stagger 
_ndb_struct_na_base_pair.buckle 
_ndb_struct_na_base_pair.propeller 
_ndb_struct_na_base_pair.opening 
_ndb_struct_na_base_pair.pair_number 
_ndb_struct_na_base_pair.pair_name 
_ndb_struct_na_base_pair.i_auth_asym_id 
_ndb_struct_na_base_pair.i_auth_seq_id 
_ndb_struct_na_base_pair.i_PDB_ins_code 
_ndb_struct_na_base_pair.j_auth_asym_id 
_ndb_struct_na_base_pair.j_auth_seq_id 
_ndb_struct_na_base_pair.j_PDB_ins_code 
_ndb_struct_na_base_pair.hbond_type_28 
_ndb_struct_na_base_pair.hbond_type_12 
1 A G 1  1_555 A C 16 1_555 -0.085 -0.138 0.755  -23.917 -8.368  -5.982  1  A_G1:C16_A  A 1  ? A 16 ? 19 1 
1 A A 2  1_555 A U 15 1_555 0.316  -0.111 1.238  3.144   8.371   -4.184  2  A_A2:U15_A  A 2  ? A 15 ? 20 1 
1 A G 3  1_555 A C 14 1_555 -0.091 -0.304 -1.031 20.745  1.056   -1.525  3  A_G3:C14_A  A 3  ? A 14 ? 19 1 
1 A C 4  1_555 A G 13 1_555 -0.300 -1.171 1.921  5.964   -0.668  -7.842  4  A_C4:G13_A  A 4  ? A 13 ? 19 1 
1 A C 5  1_555 A G 12 1_555 -0.052 -0.590 1.458  11.513  -3.715  -7.576  5  A_C5:G12_A  A 5  ? A 12 ? 19 1 
1 B U 6  1_555 A A 11 1_555 -0.512 -0.005 -1.194 26.961  -24.863 -0.751  6  B_U22:A11_A B 22 ? A 11 ? 20 1 
1 B C 7  1_555 A G 10 1_555 -0.055 -1.323 2.077  -0.001  3.078   -2.114  7  B_C23:G10_A B 23 ? A 10 ? 19 1 
1 B C 8  1_555 A G 9  1_555 -0.447 -1.134 2.020  -1.365  3.423   -6.085  8  B_C24:G9_A  B 24 ? A 9  ? 19 1 
1 B C 9  1_555 A G 8  1_555 -0.341 -0.921 2.129  -13.415 5.557   -8.078  9  B_C25:G8_A  B 25 ? A 8  ? 19 1 
1 B A 10 1_555 A U 7  1_555 0.633  -0.954 2.137  15.052  -0.805  -11.280 10 B_A26:U7_A  B 26 ? A 7  ? 20 1 
1 B G 11 1_555 A C 6  1_555 -0.517 -0.145 0.150  -13.517 -37.995 -6.130  11 B_G27:C6_A  B 27 ? A 6  ? 19 1 
1 B A 12 1_555 B U 5  1_555 0.469  0.089  -1.049 -30.909 -25.495 -2.814  12 B_A28:U21_B B 28 ? B 21 ? 20 1 
1 B C 13 1_555 B G 4  1_555 0.026  0.131  -0.040 -1.661  -2.919  -6.607  13 B_C29:G20_B B 29 ? B 20 ? 19 1 
1 B A 14 1_555 B U 3  1_555 0.515  0.327  0.560  38.041  -6.078  -6.435  14 B_A30:U19_B B 30 ? B 19 ? 20 1 
1 B G 15 1_555 B C 2  1_555 -0.213 -0.725 -1.396 19.472  -4.743  6.861   15 B_G31:C18_B B 31 ? B 18 ? 19 1 
1 B C 16 1_555 B G 1  1_555 0.064  -0.056 0.888  1.499   1.155   -5.715  16 B_C32:G17_B B 32 ? B 17 ? 19 1 
# 
loop_
_ndb_struct_na_base_pair_step.model_number 
_ndb_struct_na_base_pair_step.i_label_asym_id_1 
_ndb_struct_na_base_pair_step.i_label_comp_id_1 
_ndb_struct_na_base_pair_step.i_label_seq_id_1 
_ndb_struct_na_base_pair_step.i_symmetry_1 
_ndb_struct_na_base_pair_step.j_label_asym_id_1 
_ndb_struct_na_base_pair_step.j_label_comp_id_1 
_ndb_struct_na_base_pair_step.j_label_seq_id_1 
_ndb_struct_na_base_pair_step.j_symmetry_1 
_ndb_struct_na_base_pair_step.i_label_asym_id_2 
_ndb_struct_na_base_pair_step.i_label_comp_id_2 
_ndb_struct_na_base_pair_step.i_label_seq_id_2 
_ndb_struct_na_base_pair_step.i_symmetry_2 
_ndb_struct_na_base_pair_step.j_label_asym_id_2 
_ndb_struct_na_base_pair_step.j_label_comp_id_2 
_ndb_struct_na_base_pair_step.j_label_seq_id_2 
_ndb_struct_na_base_pair_step.j_symmetry_2 
_ndb_struct_na_base_pair_step.shift 
_ndb_struct_na_base_pair_step.slide 
_ndb_struct_na_base_pair_step.rise 
_ndb_struct_na_base_pair_step.tilt 
_ndb_struct_na_base_pair_step.roll 
_ndb_struct_na_base_pair_step.twist 
_ndb_struct_na_base_pair_step.x_displacement 
_ndb_struct_na_base_pair_step.y_displacement 
_ndb_struct_na_base_pair_step.helical_rise 
_ndb_struct_na_base_pair_step.inclination 
_ndb_struct_na_base_pair_step.tip 
_ndb_struct_na_base_pair_step.helical_twist 
_ndb_struct_na_base_pair_step.step_number 
_ndb_struct_na_base_pair_step.step_name 
_ndb_struct_na_base_pair_step.i_auth_asym_id_1 
_ndb_struct_na_base_pair_step.i_auth_seq_id_1 
_ndb_struct_na_base_pair_step.i_PDB_ins_code_1 
_ndb_struct_na_base_pair_step.j_auth_asym_id_1 
_ndb_struct_na_base_pair_step.j_auth_seq_id_1 
_ndb_struct_na_base_pair_step.j_PDB_ins_code_1 
_ndb_struct_na_base_pair_step.i_auth_asym_id_2 
_ndb_struct_na_base_pair_step.i_auth_seq_id_2 
_ndb_struct_na_base_pair_step.i_PDB_ins_code_2 
_ndb_struct_na_base_pair_step.j_auth_asym_id_2 
_ndb_struct_na_base_pair_step.j_auth_seq_id_2 
_ndb_struct_na_base_pair_step.j_PDB_ins_code_2 
1 A G 1  1_555 A C 16 1_555 A A 2  1_555 A U 15 1_555 -0.832 -1.400 2.606 -3.762  3.214   33.557 -2.808 0.949  2.540 5.529   6.472 
33.909 1  AA_G1A2:U15C16_AA   A 1  ? A 16 ? A 2  ? A 15 ? 
1 A A 2  1_555 A U 15 1_555 A G 3  1_555 A C 14 1_555 -0.145 -1.006 3.518 11.119  5.974   26.997 -3.259 2.702  2.947 12.000  
-22.333 29.752 2  AA_A2G3:C14U15_AA   A 2  ? A 15 ? A 3  ? A 14 ? 
1 A G 3  1_555 A C 14 1_555 A C 4  1_555 A G 13 1_555 -0.605 -1.062 4.400 -14.916 31.179  34.142 -4.462 -0.772 2.678 42.094  
20.138  48.213 3  AA_G3C4:G13C14_AA   A 3  ? A 14 ? A 4  ? A 13 ? 
1 A C 4  1_555 A G 13 1_555 A C 5  1_555 A G 12 1_555 0.504  -1.734 3.258 3.642   14.705  35.070 -4.341 -0.355 2.405 23.116  
-5.726  38.108 4  AA_C4C5:G12G13_AA   A 4  ? A 13 ? A 5  ? A 12 ? 
1 A C 5  1_555 A G 12 1_555 B U 6  1_555 A A 11 1_555 -0.938 -0.551 3.297 12.866  -21.623 39.316 1.172  2.304  2.812 -28.841 
-17.161 46.408 5  AB_C5U22:A11G12_AA  A 5  ? A 12 ? B 22 ? A 11 ? 
1 B U 6  1_555 A A 11 1_555 B C 7  1_555 A G 10 1_555 -0.336 -1.522 4.638 -22.655 10.770  40.912 -3.095 -2.137 3.832 13.944  
29.333  47.707 6  BB_U22C23:G10A11_AA B 22 ? A 11 ? B 23 ? A 10 ? 
1 B C 7  1_555 A G 10 1_555 B C 8  1_555 A G 9  1_555 0.315  -0.966 4.075 -1.813  10.036  23.719 -5.492 -1.307 3.360 23.096  4.172 
25.790 7  BB_C23C24:G9G10_AA  B 23 ? A 10 ? B 24 ? A 9  ? 
1 B C 8  1_555 A G 9  1_555 B C 9  1_555 A G 8  1_555 0.414  -2.147 3.602 -1.678  27.089  45.781 -4.069 -0.568 2.095 31.761  1.967 
52.847 8  BB_C24C25:G8G9_AA   B 24 ? A 9  ? B 25 ? A 8  ? 
1 B C 9  1_555 A G 8  1_555 B A 10 1_555 A U 7  1_555 0.537  -2.129 1.955 -0.069  5.678   32.685 -4.249 -0.946 1.572 9.995   0.122 
33.162 9  BB_C25A26:U7G8_AA   B 25 ? A 8  ? B 26 ? A 7  ? 
1 B A 10 1_555 A U 7  1_555 B G 11 1_555 A C 6  1_555 0.668  -1.963 3.799 16.150  11.874  41.551 -3.674 0.720  3.192 15.688  
-21.338 45.940 10 BB_A26G27:C6U7_AA   B 26 ? A 7  ? B 27 ? A 6  ? 
1 B G 11 1_555 A C 6  1_555 B A 12 1_555 B U 5  1_555 1.371  0.689  3.722 7.351   4.876   58.197 0.407  -0.952 3.896 4.981   
-7.510  58.804 11 BB_G27A28:U21C6_BA  B 27 ? A 6  ? B 28 ? B 21 ? 
1 B A 12 1_555 B U 5  1_555 B C 13 1_555 B G 4  1_555 -0.526 -0.454 2.407 -7.005  9.489   25.484 -2.582 -0.129 2.169 20.189  
14.904  28.040 12 BB_A28C29:G20U21_BB B 28 ? B 21 ? B 29 ? B 20 ? 
1 B C 13 1_555 B G 4  1_555 B A 14 1_555 B U 3  1_555 0.683  -0.655 2.220 -3.696  3.396   30.314 -1.673 -1.765 2.041 6.439   7.006 
30.717 13 BB_C29A30:U19G20_BB B 29 ? B 20 ? B 30 ? B 19 ? 
1 B A 14 1_555 B U 3  1_555 B G 15 1_555 B C 2  1_555 1.120  -0.869 5.152 8.548   -0.502  29.376 -1.487 0.633  5.275 -0.964  
-16.422 30.572 14 BB_A30G31:C18U19_BB B 30 ? B 19 ? B 31 ? B 18 ? 
1 B G 15 1_555 B C 2  1_555 B C 16 1_555 B G 1  1_555 -0.554 -2.007 4.277 -8.178  11.902  32.836 -5.372 -0.546 3.408 19.898  
13.674  35.791 15 BB_G31C32:G17C18_BB B 31 ? B 18 ? B 32 ? B 17 ? 
# 
loop_
_pdbx_nmr_spectrometer.spectrometer_id 
_pdbx_nmr_spectrometer.model 
_pdbx_nmr_spectrometer.manufacturer 
_pdbx_nmr_spectrometer.field_strength 
_pdbx_nmr_spectrometer.type 
1 OMEGA GE     500 ? 
2 AMX   Bruker 600 ? 
# 
_atom_sites.entry_id                    1KIS 
_atom_sites.fract_transf_matrix[1][1]   1.000000 
_atom_sites.fract_transf_matrix[1][2]   0.000000 
_atom_sites.fract_transf_matrix[1][3]   0.000000 
_atom_sites.fract_transf_matrix[2][1]   0.000000 
_atom_sites.fract_transf_matrix[2][2]   1.000000 
_atom_sites.fract_transf_matrix[2][3]   0.000000 
_atom_sites.fract_transf_matrix[3][1]   0.000000 
_atom_sites.fract_transf_matrix[3][2]   0.000000 
_atom_sites.fract_transf_matrix[3][3]   1.000000 
_atom_sites.fract_transf_vector[1]      0.00000 
_atom_sites.fract_transf_vector[2]      0.00000 
_atom_sites.fract_transf_vector[3]      0.00000 
# 
loop_
_atom_type.symbol 
C 
H 
N 
O 
P 
# 
loop_
_atom_site.group_PDB 
_atom_site.id 
_atom_site.type_symbol 
_atom_site.label_atom_id 
_atom_site.label_alt_id 
_atom_site.label_comp_id 
_atom_site.label_asym_id 
_atom_site.label_entity_id 
_atom_site.label_seq_id 
_atom_site.pdbx_PDB_ins_code 
_atom_site.Cartn_x 
_atom_site.Cartn_y 
_atom_site.Cartn_z 
_atom_site.occupancy 
_atom_site.B_iso_or_equiv 
_atom_site.pdbx_formal_charge 
_atom_site.auth_seq_id 
_atom_site.auth_comp_id 
_atom_site.auth_asym_id 
_atom_site.auth_atom_id 
_atom_site.pdbx_PDB_model_num 
ATOM 1    O "O5'"  . G A 1 1  ? -12.672 -17.188 0.986   1.00 0.00 ? 1  G A "O5'"  1 
ATOM 2    C "C5'"  . G A 1 1  ? -12.934 -18.426 0.320   1.00 0.00 ? 1  G A "C5'"  1 
ATOM 3    C "C4'"  . G A 1 1  ? -14.009 -18.271 -0.750  1.00 0.00 ? 1  G A "C4'"  1 
ATOM 4    O "O4'"  . G A 1 1  ? -15.285 -18.125 -0.116  1.00 0.00 ? 1  G A "O4'"  1 
ATOM 5    C "C3'"  . G A 1 1  ? -13.874 -17.028 -1.613  1.00 0.00 ? 1  G A "C3'"  1 
ATOM 6    O "O3'"  . G A 1 1  ? -13.148 -17.405 -2.785  1.00 0.00 ? 1  G A "O3'"  1 
ATOM 7    C "C2'"  . G A 1 1  ? -15.303 -16.748 -2.043  1.00 0.00 ? 1  G A "C2'"  1 
ATOM 8    O "O2'"  . G A 1 1  ? -15.665 -17.576 -3.151  1.00 0.00 ? 1  G A "O2'"  1 
ATOM 9    C "C1'"  . G A 1 1  ? -16.090 -17.147 -0.797  1.00 0.00 ? 1  G A "C1'"  1 
ATOM 10   N N9     . G A 1 1  ? -16.315 -16.008 0.114   1.00 0.00 ? 1  G A N9     1 
ATOM 11   C C8     . G A 1 1  ? -15.910 -15.861 1.415   1.00 0.00 ? 1  G A C8     1 
ATOM 12   N N7     . G A 1 1  ? -16.272 -14.731 1.954   1.00 0.00 ? 1  G A N7     1 
ATOM 13   C C5     . G A 1 1  ? -16.967 -14.082 0.939   1.00 0.00 ? 1  G A C5     1 
ATOM 14   C C6     . G A 1 1  ? -17.600 -12.810 0.938   1.00 0.00 ? 1  G A C6     1 
ATOM 15   O O6     . G A 1 1  ? -17.678 -11.993 1.854   1.00 0.00 ? 1  G A O6     1 
ATOM 16   N N1     . G A 1 1  ? -18.185 -12.533 -0.287  1.00 0.00 ? 1  G A N1     1 
ATOM 17   C C2     . G A 1 1  ? -18.172 -13.372 -1.377  1.00 0.00 ? 1  G A C2     1 
ATOM 18   N N2     . G A 1 1  ? -18.798 -12.944 -2.473  1.00 0.00 ? 1  G A N2     1 
ATOM 19   N N3     . G A 1 1  ? -17.582 -14.570 -1.387  1.00 0.00 ? 1  G A N3     1 
ATOM 20   C C4     . G A 1 1  ? -17.000 -14.857 -0.196  1.00 0.00 ? 1  G A C4     1 
ATOM 21   H "H5'"  . G A 1 1  ? -13.266 -19.161 1.054   1.00 0.00 ? 1  G A "H5'"  1 
ATOM 22   H "H5''" . G A 1 1  ? -12.015 -18.779 -0.147  1.00 0.00 ? 1  G A "H5''" 1 
ATOM 23   H "H4'"  . G A 1 1  ? -14.023 -19.167 -1.370  1.00 0.00 ? 1  G A "H4'"  1 
ATOM 24   H "H3'"  . G A 1 1  ? -13.405 -16.190 -1.096  1.00 0.00 ? 1  G A "H3'"  1 
ATOM 25   H "H2'"  . G A 1 1  ? -15.447 -15.694 -2.274  1.00 0.00 ? 1  G A "H2'"  1 
ATOM 26   H "HO2'" . G A 1 1  ? -15.234 -18.425 -3.026  1.00 0.00 ? 1  G A "HO2'" 1 
ATOM 27   H "H1'"  . G A 1 1  ? -17.047 -17.589 -1.067  1.00 0.00 ? 1  G A "H1'"  1 
ATOM 28   H H8     . G A 1 1  ? -15.337 -16.619 1.950   1.00 0.00 ? 1  G A H8     1 
ATOM 29   H H1     . G A 1 1  ? -18.650 -11.642 -0.382  1.00 0.00 ? 1  G A H1     1 
ATOM 30   H H21    . G A 1 1  ? -19.317 -12.077 -2.452  1.00 0.00 ? 1  G A H21    1 
ATOM 31   H H22    . G A 1 1  ? -18.757 -13.488 -3.324  1.00 0.00 ? 1  G A H22    1 
ATOM 32   H "HO5'" . G A 1 1  ? -13.071 -17.241 1.857   1.00 0.00 ? 1  G A "HO5'" 1 
ATOM 33   P P      . A A 1 2  ? -11.990 -16.451 -3.373  1.00 0.00 ? 2  A A P      1 
ATOM 34   O OP1    . A A 1 2  ? -11.209 -17.227 -4.363  1.00 0.00 ? 2  A A OP1    1 
ATOM 35   O OP2    . A A 1 2  ? -11.304 -15.801 -2.236  1.00 0.00 ? 2  A A OP2    1 
ATOM 36   O "O5'"  . A A 1 2  ? -12.830 -15.327 -4.165  1.00 0.00 ? 2  A A "O5'"  1 
ATOM 37   C "C5'"  . A A 1 2  ? -13.309 -15.578 -5.489  1.00 0.00 ? 2  A A "C5'"  1 
ATOM 38   C "C4'"  . A A 1 2  ? -14.016 -14.359 -6.071  1.00 0.00 ? 2  A A "C4'"  1 
ATOM 39   O "O4'"  . A A 1 2  ? -15.194 -14.089 -5.305  1.00 0.00 ? 2  A A "O4'"  1 
ATOM 40   C "C3'"  . A A 1 2  ? -13.223 -13.067 -6.000  1.00 0.00 ? 2  A A "C3'"  1 
ATOM 41   O "O3'"  . A A 1 2  ? -12.525 -12.935 -7.241  1.00 0.00 ? 2  A A "O3'"  1 
ATOM 42   C "C2'"  . A A 1 2  ? -14.301 -11.995 -5.980  1.00 0.00 ? 2  A A "C2'"  1 
ATOM 43   O "O2'"  . A A 1 2  ? -14.730 -11.692 -7.310  1.00 0.00 ? 2  A A "O2'"  1 
ATOM 44   C "C1'"  . A A 1 2  ? -15.424 -12.674 -5.195  1.00 0.00 ? 2  A A "C1'"  1 
ATOM 45   N N9     . A A 1 2  ? -15.413 -12.303 -3.768  1.00 0.00 ? 2  A A N9     1 
ATOM 46   C C8     . A A 1 2  ? -14.778 -12.926 -2.723  1.00 0.00 ? 2  A A C8     1 
ATOM 47   N N7     . A A 1 2  ? -14.964 -12.337 -1.574  1.00 0.00 ? 2  A A N7     1 
ATOM 48   C C5     . A A 1 2  ? -15.778 -11.253 -1.882  1.00 0.00 ? 2  A A C5     1 
ATOM 49   C C6     . A A 1 2  ? -16.337 -10.230 -1.101  1.00 0.00 ? 2  A A C6     1 
ATOM 50   N N6     . A A 1 2  ? -16.159 -10.126 0.217   1.00 0.00 ? 2  A A N6     1 
ATOM 51   N N1     . A A 1 2  ? -17.094 -9.314  -1.721  1.00 0.00 ? 2  A A N1     1 
ATOM 52   C C2     . A A 1 2  ? -17.284 -9.410  -3.031  1.00 0.00 ? 2  A A C2     1 
ATOM 53   N N3     . A A 1 2  ? -16.816 -10.317 -3.875  1.00 0.00 ? 2  A A N3     1 
ATOM 54   C C4     . A A 1 2  ? -16.058 -11.222 -3.218  1.00 0.00 ? 2  A A C4     1 
ATOM 55   H "H5'"  . A A 1 2  ? -14.006 -16.416 -5.463  1.00 0.00 ? 2  A A "H5'"  1 
ATOM 56   H "H5''" . A A 1 2  ? -12.465 -15.838 -6.129  1.00 0.00 ? 2  A A "H5''" 1 
ATOM 57   H "H4'"  . A A 1 2  ? -14.305 -14.576 -7.100  1.00 0.00 ? 2  A A "H4'"  1 
ATOM 58   H "H3'"  . A A 1 2  ? -12.548 -13.019 -5.147  1.00 0.00 ? 2  A A "H3'"  1 
ATOM 59   H "H2'"  . A A 1 2  ? -13.952 -11.099 -5.466  1.00 0.00 ? 2  A A "H2'"  1 
ATOM 60   H "HO2'" . A A 1 2  ? -15.139 -12.485 -7.666  1.00 0.00 ? 2  A A "HO2'" 1 
ATOM 61   H "H1'"  . A A 1 2  ? -16.397 -12.433 -5.622  1.00 0.00 ? 2  A A "H1'"  1 
ATOM 62   H H8     . A A 1 2  ? -14.179 -13.828 -2.841  1.00 0.00 ? 2  A A H8     1 
ATOM 63   H H61    . A A 1 2  ? -16.650 -9.412  0.738   1.00 0.00 ? 2  A A H61    1 
ATOM 64   H H62    . A A 1 2  ? -15.534 -10.760 0.694   1.00 0.00 ? 2  A A H62    1 
ATOM 65   H H2     . A A 1 2  ? -17.917 -8.637  -3.471  1.00 0.00 ? 2  A A H2     1 
ATOM 66   P P      . G A 1 3  ? -11.491 -11.722 -7.471  1.00 0.00 ? 3  G A P      1 
ATOM 67   O OP1    . G A 1 3  ? -10.946 -11.831 -8.843  1.00 0.00 ? 3  G A OP1    1 
ATOM 68   O OP2    . G A 1 3  ? -10.571 -11.671 -6.313  1.00 0.00 ? 3  G A OP2    1 
ATOM 69   O "O5'"  . G A 1 3  ? -12.449 -10.428 -7.412  1.00 0.00 ? 3  G A "O5'"  1 
ATOM 70   C "C5'"  . G A 1 3  ? -12.905 -9.806  -8.616  1.00 0.00 ? 3  G A "C5'"  1 
ATOM 71   C "C4'"  . G A 1 3  ? -13.427 -8.396  -8.357  1.00 0.00 ? 3  G A "C4'"  1 
ATOM 72   O "O4'"  . G A 1 3  ? -14.420 -8.445  -7.332  1.00 0.00 ? 3  G A "O4'"  1 
ATOM 73   C "C3'"  . G A 1 3  ? -12.389 -7.423  -7.830  1.00 0.00 ? 3  G A "C3'"  1 
ATOM 74   O "O3'"  . G A 1 3  ? -11.859 -6.726  -8.963  1.00 0.00 ? 3  G A "O3'"  1 
ATOM 75   C "C2'"  . G A 1 3  ? -13.211 -6.419  -7.035  1.00 0.00 ? 3  G A "C2'"  1 
ATOM 76   O "O2'"  . G A 1 3  ? -13.697 -5.381  -7.890  1.00 0.00 ? 3  G A "O2'"  1 
ATOM 77   C "C1'"  . G A 1 3  ? -14.372 -7.267  -6.512  1.00 0.00 ? 3  G A "C1'"  1 
ATOM 78   N N9     . G A 1 3  ? -14.178 -7.679  -5.108  1.00 0.00 ? 3  G A N9     1 
ATOM 79   C C8     . G A 1 3  ? -13.302 -8.603  -4.599  1.00 0.00 ? 3  G A C8     1 
ATOM 80   N N7     . G A 1 3  ? -13.376 -8.739  -3.304  1.00 0.00 ? 3  G A N7     1 
ATOM 81   C C5     . G A 1 3  ? -14.371 -7.842  -2.927  1.00 0.00 ? 3  G A C5     1 
ATOM 82   C C6     . G A 1 3  ? -14.893 -7.547  -1.638  1.00 0.00 ? 3  G A C6     1 
ATOM 83   O O6     . G A 1 3  ? -14.563 -8.022  -0.553  1.00 0.00 ? 3  G A O6     1 
ATOM 84   N N1     . G A 1 3  ? -15.887 -6.583  -1.698  1.00 0.00 ? 3  G A N1     1 
ATOM 85   C C2     . G A 1 3  ? -16.327 -5.974  -2.850  1.00 0.00 ? 3  G A C2     1 
ATOM 86   N N2     . G A 1 3  ? -17.287 -5.059  -2.720  1.00 0.00 ? 3  G A N2     1 
ATOM 87   N N3     . G A 1 3  ? -15.844 -6.242  -4.066  1.00 0.00 ? 3  G A N3     1 
ATOM 88   C C4     . G A 1 3  ? -14.870 -7.186  -4.027  1.00 0.00 ? 3  G A C4     1 
ATOM 89   H "H5'"  . G A 1 3  ? -13.705 -10.409 -9.047  1.00 0.00 ? 3  G A "H5'"  1 
ATOM 90   H "H5''" . G A 1 3  ? -12.077 -9.755  -9.325  1.00 0.00 ? 3  G A "H5''" 1 
ATOM 91   H "H4'"  . G A 1 3  ? -13.880 -8.015  -9.273  1.00 0.00 ? 3  G A "H4'"  1 
ATOM 92   H "H3'"  . G A 1 3  ? -11.607 -7.902  -7.243  1.00 0.00 ? 3  G A "H3'"  1 
ATOM 93   H "H2'"  . G A 1 3  ? -12.633 -6.009  -6.210  1.00 0.00 ? 3  G A "H2'"  1 
ATOM 94   H "HO2'" . G A 1 3  ? -13.379 -4.547  -7.536  1.00 0.00 ? 3  G A "HO2'" 1 
ATOM 95   H "H1'"  . G A 1 3  ? -15.313 -6.727  -6.601  1.00 0.00 ? 3  G A "H1'"  1 
ATOM 96   H H8     . G A 1 3  ? -12.611 -9.173  -5.219  1.00 0.00 ? 3  G A H8     1 
ATOM 97   H H1     . G A 1 3  ? -16.323 -6.321  -0.828  1.00 0.00 ? 3  G A H1     1 
ATOM 98   H H21    . G A 1 3  ? -17.607 -4.788  -1.800  1.00 0.00 ? 3  G A H21    1 
ATOM 99   H H22    . G A 1 3  ? -17.695 -4.634  -3.540  1.00 0.00 ? 3  G A H22    1 
ATOM 100  P P      . C A 1 4  ? -10.303 -6.313  -9.030  1.00 0.00 ? 4  C A P      1 
ATOM 101  O OP1    . C A 1 4  ? -9.948  -6.084  -10.448 1.00 0.00 ? 4  C A OP1    1 
ATOM 102  O OP2    . C A 1 4  ? -9.527  -7.281  -8.223  1.00 0.00 ? 4  C A OP2    1 
ATOM 103  O "O5'"  . C A 1 4  ? -10.281 -4.893  -8.271  1.00 0.00 ? 4  C A "O5'"  1 
ATOM 104  C "C5'"  . C A 1 4  ? -10.960 -3.762  -8.824  1.00 0.00 ? 4  C A "C5'"  1 
ATOM 105  C "C4'"  . C A 1 4  ? -10.819 -2.531  -7.932  1.00 0.00 ? 4  C A "C4'"  1 
ATOM 106  O "O4'"  . C A 1 4  ? -11.628 -2.700  -6.767  1.00 0.00 ? 4  C A "O4'"  1 
ATOM 107  C "C3'"  . C A 1 4  ? -9.423  -2.299  -7.385  1.00 0.00 ? 4  C A "C3'"  1 
ATOM 108  O "O3'"  . C A 1 4  ? -8.768  -1.400  -8.285  1.00 0.00 ? 4  C A "O3'"  1 
ATOM 109  C "C2'"  . C A 1 4  ? -9.668  -1.534  -6.091  1.00 0.00 ? 4  C A "C2'"  1 
ATOM 110  O "O2'"  . C A 1 4  ? -9.765  -0.131  -6.352  1.00 0.00 ? 4  C A "O2'"  1 
ATOM 111  C "C1'"  . C A 1 4  ? -11.017 -2.085  -5.622  1.00 0.00 ? 4  C A "C1'"  1 
ATOM 112  N N1     . C A 1 4  ? -10.867 -3.113  -4.562  1.00 0.00 ? 4  C A N1     1 
ATOM 113  C C2     . C A 1 4  ? -10.878 -2.692  -3.238  1.00 0.00 ? 4  C A C2     1 
ATOM 114  O O2     . C A 1 4  ? -11.010 -1.500  -2.968  1.00 0.00 ? 4  C A O2     1 
ATOM 115  N N3     . C A 1 4  ? -10.751 -3.626  -2.256  1.00 0.00 ? 4  C A N3     1 
ATOM 116  C C4     . C A 1 4  ? -10.618 -4.924  -2.557  1.00 0.00 ? 4  C A C4     1 
ATOM 117  N N4     . C A 1 4  ? -10.519 -5.792  -1.550  1.00 0.00 ? 4  C A N4     1 
ATOM 118  C C5     . C A 1 4  ? -10.602 -5.363  -3.917  1.00 0.00 ? 4  C A C5     1 
ATOM 119  C C6     . C A 1 4  ? -10.728 -4.432  -4.882  1.00 0.00 ? 4  C A C6     1 
ATOM 120  H "H5'"  . C A 1 4  ? -12.018 -4.002  -8.934  1.00 0.00 ? 4  C A "H5'"  1 
ATOM 121  H "H5''" . C A 1 4  ? -10.541 -3.541  -9.805  1.00 0.00 ? 4  C A "H5''" 1 
ATOM 122  H "H4'"  . C A 1 4  ? -11.166 -1.656  -8.481  1.00 0.00 ? 4  C A "H4'"  1 
ATOM 123  H "H3'"  . C A 1 4  ? -8.854  -3.218  -7.244  1.00 0.00 ? 4  C A "H3'"  1 
ATOM 124  H "H2'"  . C A 1 4  ? -8.886  -1.743  -5.362  1.00 0.00 ? 4  C A "H2'"  1 
ATOM 125  H "HO2'" . C A 1 4  ? -10.664 0.043   -6.642  1.00 0.00 ? 4  C A "HO2'" 1 
ATOM 126  H "H1'"  . C A 1 4  ? -11.662 -1.279  -5.265  1.00 0.00 ? 4  C A "H1'"  1 
ATOM 127  H H41    . C A 1 4  ? -10.624 -5.474  -0.597  1.00 0.00 ? 4  C A H41    1 
ATOM 128  H H42    . C A 1 4  ? -10.351 -6.769  -1.741  1.00 0.00 ? 4  C A H42    1 
ATOM 129  H H5     . C A 1 4  ? -10.490 -6.417  -4.175  1.00 0.00 ? 4  C A H5     1 
ATOM 130  H H6     . C A 1 4  ? -10.718 -4.737  -5.927  1.00 0.00 ? 4  C A H6     1 
ATOM 131  P P      . C A 1 5  ? -7.174  -1.186  -8.218  1.00 0.00 ? 5  C A P      1 
ATOM 132  O OP1    . C A 1 5  ? -6.807  -0.133  -9.190  1.00 0.00 ? 5  C A OP1    1 
ATOM 133  O OP2    . C A 1 5  ? -6.526  -2.514  -8.288  1.00 0.00 ? 5  C A OP2    1 
ATOM 134  O "O5'"  . C A 1 5  ? -6.959  -0.599  -6.735  1.00 0.00 ? 5  C A "O5'"  1 
ATOM 135  C "C5'"  . C A 1 5  ? -5.686  -0.707  -6.093  1.00 0.00 ? 5  C A "C5'"  1 
ATOM 136  C "C4'"  . C A 1 5  ? -5.694  -0.057  -4.712  1.00 0.00 ? 5  C A "C4'"  1 
ATOM 137  O "O4'"  . C A 1 5  ? -6.895  -0.424  -4.026  1.00 0.00 ? 5  C A "O4'"  1 
ATOM 138  C "C3'"  . C A 1 5  ? -4.574  -0.515  -3.791  1.00 0.00 ? 5  C A "C3'"  1 
ATOM 139  O "O3'"  . C A 1 5  ? -3.516  0.439   -3.912  1.00 0.00 ? 5  C A "O3'"  1 
ATOM 140  C "C2'"  . C A 1 5  ? -5.169  -0.346  -2.404  1.00 0.00 ? 5  C A "C2'"  1 
ATOM 141  O "O2'"  . C A 1 5  ? -5.044  1.010   -1.967  1.00 0.00 ? 5  C A "O2'"  1 
ATOM 142  C "C1'"  . C A 1 5  ? -6.635  -0.701  -2.639  1.00 0.00 ? 5  C A "C1'"  1 
ATOM 143  N N1     . C A 1 5  ? -6.918  -2.130  -2.365  1.00 0.00 ? 5  C A N1     1 
ATOM 144  C C2     . C A 1 5  ? -7.042  -2.512  -1.037  1.00 0.00 ? 5  C A C2     1 
ATOM 145  O O2     . C A 1 5  ? -6.929  -1.679  -0.139  1.00 0.00 ? 5  C A O2     1 
ATOM 146  N N3     . C A 1 5  ? -7.298  -3.817  -0.751  1.00 0.00 ? 5  C A N3     1 
ATOM 147  C C4     . C A 1 5  ? -7.430  -4.719  -1.731  1.00 0.00 ? 5  C A C4     1 
ATOM 148  N N4     . C A 1 5  ? -7.688  -5.980  -1.385  1.00 0.00 ? 5  C A N4     1 
ATOM 149  C C5     . C A 1 5  ? -7.303  -4.339  -3.104  1.00 0.00 ? 5  C A C5     1 
ATOM 150  C C6     . C A 1 5  ? -7.048  -3.046  -3.377  1.00 0.00 ? 5  C A C6     1 
ATOM 151  H "H5'"  . C A 1 5  ? -4.933  -0.218  -6.712  1.00 0.00 ? 5  C A "H5'"  1 
ATOM 152  H "H5''" . C A 1 5  ? -5.430  -1.762  -5.990  1.00 0.00 ? 5  C A "H5''" 1 
ATOM 153  H "H4'"  . C A 1 5  ? -5.671  1.026   -4.833  1.00 0.00 ? 5  C A "H4'"  1 
ATOM 154  H "H3'"  . C A 1 5  ? -4.231  -1.529  -3.994  1.00 0.00 ? 5  C A "H3'"  1 
ATOM 155  H "H2'"  . C A 1 5  ? -4.708  -1.034  -1.694  1.00 0.00 ? 5  C A "H2'"  1 
ATOM 156  H "HO2'" . C A 1 5  ? -5.492  1.079   -1.121  1.00 0.00 ? 5  C A "HO2'" 1 
ATOM 157  H "H1'"  . C A 1 5  ? -7.287  -0.080  -2.023  1.00 0.00 ? 5  C A "H1'"  1 
ATOM 158  H H41    . C A 1 5  ? -7.853  -6.214  -0.415  1.00 0.00 ? 5  C A H41    1 
ATOM 159  H H42    . C A 1 5  ? -7.722  -6.701  -2.091  1.00 0.00 ? 5  C A H42    1 
ATOM 160  H H5     . C A 1 5  ? -7.408  -5.066  -3.909  1.00 0.00 ? 5  C A H5     1 
ATOM 161  H H6     . C A 1 5  ? -6.945  -2.729  -4.415  1.00 0.00 ? 5  C A H6     1 
ATOM 162  P P      . C A 1 6  ? -2.124  0.215   -3.137  1.00 0.00 ? 6  C A P      1 
ATOM 163  O OP1    . C A 1 6  ? -1.894  -1.242  -3.012  1.00 0.00 ? 6  C A OP1    1 
ATOM 164  O OP2    . C A 1 6  ? -2.124  1.069   -1.927  1.00 0.00 ? 6  C A OP2    1 
ATOM 165  O "O5'"  . C A 1 6  ? -1.045  0.808   -4.172  1.00 0.00 ? 6  C A "O5'"  1 
ATOM 166  C "C5'"  . C A 1 6  ? -1.456  1.305   -5.449  1.00 0.00 ? 6  C A "C5'"  1 
ATOM 167  C "C4'"  . C A 1 6  ? -0.255  1.643   -6.326  1.00 0.00 ? 6  C A "C4'"  1 
ATOM 168  O "O4'"  . C A 1 6  ? 0.460   2.738   -5.739  1.00 0.00 ? 6  C A "O4'"  1 
ATOM 169  C "C3'"  . C A 1 6  ? 0.778   0.533   -6.433  1.00 0.00 ? 6  C A "C3'"  1 
ATOM 170  O "O3'"  . C A 1 6  ? 0.485   -0.206  -7.622  1.00 0.00 ? 6  C A "O3'"  1 
ATOM 171  C "C2'"  . C A 1 6  ? 2.072   1.287   -6.682  1.00 0.00 ? 6  C A "C2'"  1 
ATOM 172  O "O2'"  . C A 1 6  ? 2.188   1.644   -8.062  1.00 0.00 ? 6  C A "O2'"  1 
ATOM 173  C "C1'"  . C A 1 6  ? 1.880   2.532   -5.820  1.00 0.00 ? 6  C A "C1'"  1 
ATOM 174  N N1     . C A 1 6  ? 2.429   2.353   -4.461  1.00 0.00 ? 6  C A N1     1 
ATOM 175  C C2     . C A 1 6  ? 3.803   2.235   -4.359  1.00 0.00 ? 6  C A C2     1 
ATOM 176  O O2     . C A 1 6  ? 4.509   2.222   -5.368  1.00 0.00 ? 6  C A O2     1 
ATOM 177  N N3     . C A 1 6  ? 4.350   2.110   -3.131  1.00 0.00 ? 6  C A N3     1 
ATOM 178  C C4     . C A 1 6  ? 3.606   2.093   -2.033  1.00 0.00 ? 6  C A C4     1 
ATOM 179  N N4     . C A 1 6  ? 4.245   1.994   -0.864  1.00 0.00 ? 6  C A N4     1 
ATOM 180  C C5     . C A 1 6  ? 2.182   2.202   -2.115  1.00 0.00 ? 6  C A C5     1 
ATOM 181  C C6     . C A 1 6  ? 1.634   2.333   -3.341  1.00 0.00 ? 6  C A C6     1 
ATOM 182  H "H5'"  . C A 1 6  ? -2.057  2.203   -5.307  1.00 0.00 ? 6  C A "H5'"  1 
ATOM 183  H "H5''" . C A 1 6  ? -2.059  0.546   -5.949  1.00 0.00 ? 6  C A "H5''" 1 
ATOM 184  H "H4'"  . C A 1 6  ? -0.608  1.937   -7.314  1.00 0.00 ? 6  C A "H4'"  1 
ATOM 185  H "H3'"  . C A 1 6  ? 0.814   -0.110  -5.554  1.00 0.00 ? 6  C A "H3'"  1 
ATOM 186  H "H2'"  . C A 1 6  ? 2.933   0.709   -6.350  1.00 0.00 ? 6  C A "H2'"  1 
ATOM 187  H "HO2'" . C A 1 6  ? 2.029   0.850   -8.577  1.00 0.00 ? 6  C A "HO2'" 1 
ATOM 188  H "H1'"  . C A 1 6  ? 2.353   3.402   -6.279  1.00 0.00 ? 6  C A "H1'"  1 
ATOM 189  H H41    . C A 1 6  ? 5.265   2.007   -0.843  1.00 0.00 ? 6  C A H41    1 
ATOM 190  H H42    . C A 1 6  ? 3.722   1.915   -0.005  1.00 0.00 ? 6  C A H42    1 
ATOM 191  H H5     . C A 1 6  ? 1.553   2.166   -1.226  1.00 0.00 ? 6  C A H5     1 
ATOM 192  H H6     . C A 1 6  ? 0.553   2.429   -3.436  1.00 0.00 ? 6  C A H6     1 
ATOM 193  P P      . U A 1 7  ? 0.518   -1.816  -7.614  1.00 0.00 ? 7  U A P      1 
ATOM 194  O OP1    . U A 1 7  ? 0.055   -2.296  -8.935  1.00 0.00 ? 7  U A OP1    1 
ATOM 195  O OP2    . U A 1 7  ? -0.155  -2.286  -6.382  1.00 0.00 ? 7  U A OP2    1 
ATOM 196  O "O5'"  . U A 1 7  ? 2.091   -2.137  -7.484  1.00 0.00 ? 7  U A "O5'"  1 
ATOM 197  C "C5'"  . U A 1 7  ? 2.827   -2.615  -8.614  1.00 0.00 ? 7  U A "C5'"  1 
ATOM 198  C "C4'"  . U A 1 7  ? 4.149   -3.256  -8.198  1.00 0.00 ? 7  U A "C4'"  1 
ATOM 199  O "O4'"  . U A 1 7  ? 4.868   -2.356  -7.351  1.00 0.00 ? 7  U A "O4'"  1 
ATOM 200  C "C3'"  . U A 1 7  ? 4.016   -4.511  -7.359  1.00 0.00 ? 7  U A "C3'"  1 
ATOM 201  O "O3'"  . U A 1 7  ? 3.989   -5.624  -8.257  1.00 0.00 ? 7  U A "O3'"  1 
ATOM 202  C "C2'"  . U A 1 7  ? 5.343   -4.565  -6.620  1.00 0.00 ? 7  U A "C2'"  1 
ATOM 203  O "O2'"  . U A 1 7  ? 6.354   -5.145  -7.449  1.00 0.00 ? 7  U A "O2'"  1 
ATOM 204  C "C1'"  . U A 1 7  ? 5.637   -3.083  -6.376  1.00 0.00 ? 7  U A "C1'"  1 
ATOM 205  N N1     . U A 1 7  ? 5.247   -2.650  -5.010  1.00 0.00 ? 7  U A N1     1 
ATOM 206  C C2     . U A 1 7  ? 5.990   -3.157  -3.959  1.00 0.00 ? 7  U A C2     1 
ATOM 207  O O2     . U A 1 7  ? 6.905   -3.959  -4.130  1.00 0.00 ? 7  U A O2     1 
ATOM 208  N N3     . U A 1 7  ? 5.634   -2.721  -2.696  1.00 0.00 ? 7  U A N3     1 
ATOM 209  C C4     . U A 1 7  ? 4.612   -1.841  -2.397  1.00 0.00 ? 7  U A C4     1 
ATOM 210  O O4     . U A 1 7  ? 4.393   -1.526  -1.230  1.00 0.00 ? 7  U A O4     1 
ATOM 211  C C5     . U A 1 7  ? 3.878   -1.360  -3.544  1.00 0.00 ? 7  U A C5     1 
ATOM 212  C C6     . U A 1 7  ? 4.211   -1.772  -4.793  1.00 0.00 ? 7  U A C6     1 
ATOM 213  H "H5'"  . U A 1 7  ? 3.033   -1.780  -9.283  1.00 0.00 ? 7  U A "H5'"  1 
ATOM 214  H "H5''" . U A 1 7  ? 2.225   -3.354  -9.142  1.00 0.00 ? 7  U A "H5''" 1 
ATOM 215  H "H4'"  . U A 1 7  ? 4.741   -3.454  -9.092  1.00 0.00 ? 7  U A "H4'"  1 
ATOM 216  H "H3'"  . U A 1 7  ? 3.151   -4.502  -6.696  1.00 0.00 ? 7  U A "H3'"  1 
ATOM 217  H "H2'"  . U A 1 7  ? 5.247   -5.105  -5.681  1.00 0.00 ? 7  U A "H2'"  1 
ATOM 218  H "HO2'" . U A 1 7  ? 6.667   -5.937  -7.006  1.00 0.00 ? 7  U A "HO2'" 1 
ATOM 219  H "H1'"  . U A 1 7  ? 6.695   -2.870  -6.526  1.00 0.00 ? 7  U A "H1'"  1 
ATOM 220  H H3     . U A 1 7  ? 6.173   -3.074  -1.916  1.00 0.00 ? 7  U A H3     1 
ATOM 221  H H5     . U A 1 7  ? 3.052   -0.663  -3.405  1.00 0.00 ? 7  U A H5     1 
ATOM 222  H H6     . U A 1 7  ? 3.637   -1.398  -5.638  1.00 0.00 ? 7  U A H6     1 
ATOM 223  P P      . G A 1 8  ? 3.434   -7.054  -7.768  1.00 0.00 ? 8  G A P      1 
ATOM 224  O OP1    . G A 1 8  ? 3.580   -8.014  -8.884  1.00 0.00 ? 8  G A OP1    1 
ATOM 225  O OP2    . G A 1 8  ? 2.109   -6.848  -7.141  1.00 0.00 ? 8  G A OP2    1 
ATOM 226  O "O5'"  . G A 1 8  ? 4.480   -7.462  -6.612  1.00 0.00 ? 8  G A "O5'"  1 
ATOM 227  C "C5'"  . G A 1 8  ? 4.127   -8.436  -5.626  1.00 0.00 ? 8  G A "C5'"  1 
ATOM 228  C "C4'"  . G A 1 8  ? 5.313   -8.785  -4.731  1.00 0.00 ? 8  G A "C4'"  1 
ATOM 229  O "O4'"  . G A 1 8  ? 6.005   -7.583  -4.375  1.00 0.00 ? 8  G A "O4'"  1 
ATOM 230  C "C3'"  . G A 1 8  ? 4.943   -9.415  -3.398  1.00 0.00 ? 8  G A "C3'"  1 
ATOM 231  O "O3'"  . G A 1 8  ? 5.006   -10.833 -3.570  1.00 0.00 ? 8  G A "O3'"  1 
ATOM 232  C "C2'"  . G A 1 8  ? 6.102   -9.023  -2.495  1.00 0.00 ? 8  G A "C2'"  1 
ATOM 233  O "O2'"  . G A 1 8  ? 7.209   -9.908  -2.687  1.00 0.00 ? 8  G A "O2'"  1 
ATOM 234  C "C1'"  . G A 1 8  ? 6.438   -7.624  -3.006  1.00 0.00 ? 8  G A "C1'"  1 
ATOM 235  N N9     . G A 1 8  ? 5.731   -6.567  -2.258  1.00 0.00 ? 8  G A N9     1 
ATOM 236  C C8     . G A 1 8  ? 4.720   -5.747  -2.688  1.00 0.00 ? 8  G A C8     1 
ATOM 237  N N7     . G A 1 8  ? 4.323   -4.890  -1.792  1.00 0.00 ? 8  G A N7     1 
ATOM 238  C C5     . G A 1 8  ? 5.123   -5.161  -0.689  1.00 0.00 ? 8  G A C5     1 
ATOM 239  C C6     . G A 1 8  ? 5.147   -4.544  0.590   1.00 0.00 ? 8  G A C6     1 
ATOM 240  O O6     . G A 1 8  ? 4.482   -3.592  0.993   1.00 0.00 ? 8  G A O6     1 
ATOM 241  N N1     . G A 1 8  ? 6.099   -5.119  1.414   1.00 0.00 ? 8  G A N1     1 
ATOM 242  C C2     . G A 1 8  ? 6.935   -6.152  1.058   1.00 0.00 ? 8  G A C2     1 
ATOM 243  N N2     . G A 1 8  ? 7.807   -6.566  1.979   1.00 0.00 ? 8  G A N2     1 
ATOM 244  N N3     . G A 1 8  ? 6.924   -6.739  -0.142  1.00 0.00 ? 8  G A N3     1 
ATOM 245  C C4     . G A 1 8  ? 5.991   -6.191  -0.962  1.00 0.00 ? 8  G A C4     1 
ATOM 246  H "H5'"  . G A 1 8  ? 3.781   -9.340  -6.126  1.00 0.00 ? 8  G A "H5'"  1 
ATOM 247  H "H5''" . G A 1 8  ? 3.320   -8.040  -5.009  1.00 0.00 ? 8  G A "H5''" 1 
ATOM 248  H "H4'"  . G A 1 8  ? 5.993   -9.434  -5.284  1.00 0.00 ? 8  G A "H4'"  1 
ATOM 249  H "H3'"  . G A 1 8  ? 3.973   -9.094  -3.021  1.00 0.00 ? 8  G A "H3'"  1 
ATOM 250  H "H2'"  . G A 1 8  ? 5.793   -8.996  -1.452  1.00 0.00 ? 8  G A "H2'"  1 
ATOM 251  H "HO2'" . G A 1 8  ? 7.021   -10.710 -2.195  1.00 0.00 ? 8  G A "HO2'" 1 
ATOM 252  H "H1'"  . G A 1 8  ? 7.512   -7.440  -2.961  1.00 0.00 ? 8  G A "H1'"  1 
ATOM 253  H H8     . G A 1 8  ? 4.283   -5.814  -3.684  1.00 0.00 ? 8  G A H8     1 
ATOM 254  H H1     . G A 1 8  ? 6.161   -4.763  2.352   1.00 0.00 ? 8  G A H1     1 
ATOM 255  H H21    . G A 1 8  ? 7.886   -6.075  2.860   1.00 0.00 ? 8  G A H21    1 
ATOM 256  H H22    . G A 1 8  ? 8.396   -7.366  1.793   1.00 0.00 ? 8  G A H22    1 
ATOM 257  P P      . G A 1 9  ? 3.920   -11.788 -2.862  1.00 0.00 ? 9  G A P      1 
ATOM 258  O OP1    . G A 1 9  ? 4.303   -13.194 -3.120  1.00 0.00 ? 9  G A OP1    1 
ATOM 259  O OP2    . G A 1 9  ? 2.571   -11.310 -3.238  1.00 0.00 ? 9  G A OP2    1 
ATOM 260  O "O5'"  . G A 1 9  ? 4.146   -11.478 -1.297  1.00 0.00 ? 9  G A "O5'"  1 
ATOM 261  C "C5'"  . G A 1 9  ? 5.111   -12.212 -0.538  1.00 0.00 ? 9  G A "C5'"  1 
ATOM 262  C "C4'"  . G A 1 9  ? 4.804   -12.174 0.958   1.00 0.00 ? 9  G A "C4'"  1 
ATOM 263  O "O4'"  . G A 1 9  ? 5.289   -10.946 1.511   1.00 0.00 ? 9  G A "O4'"  1 
ATOM 264  C "C3'"  . G A 1 9  ? 3.328   -12.180 1.315   1.00 0.00 ? 9  G A "C3'"  1 
ATOM 265  O "O3'"  . G A 1 9  ? 2.946   -13.546 1.509   1.00 0.00 ? 9  G A "O3'"  1 
ATOM 266  C "C2'"  . G A 1 9  ? 3.304   -11.510 2.678   1.00 0.00 ? 9  G A "C2'"  1 
ATOM 267  O "O2'"  . G A 1 9  ? 3.643   -12.446 3.705   1.00 0.00 ? 9  G A "O2'"  1 
ATOM 268  C "C1'"  . G A 1 9  ? 4.400   -10.457 2.531   1.00 0.00 ? 9  G A "C1'"  1 
ATOM 269  N N9     . G A 1 9  ? 3.870   -9.146  2.107   1.00 0.00 ? 9  G A N9     1 
ATOM 270  C C8     . G A 1 9  ? 3.689   -8.669  0.835   1.00 0.00 ? 9  G A C8     1 
ATOM 271  N N7     . G A 1 9  ? 3.204   -7.459  0.792   1.00 0.00 ? 9  G A N7     1 
ATOM 272  C C5     . G A 1 9  ? 3.052   -7.110  2.129   1.00 0.00 ? 9  G A C5     1 
ATOM 273  C C6     . G A 1 9  ? 2.563   -5.906  2.706   1.00 0.00 ? 9  G A C6     1 
ATOM 274  O O6     . G A 1 9  ? 2.181   -4.888  2.135   1.00 0.00 ? 9  G A O6     1 
ATOM 275  N N1     . G A 1 9  ? 2.570   -5.964  4.091   1.00 0.00 ? 9  G A N1     1 
ATOM 276  C C2     . G A 1 9  ? 2.998   -7.039  4.834   1.00 0.00 ? 9  G A C2     1 
ATOM 277  N N2     . G A 1 9  ? 2.953   -6.916  6.162   1.00 0.00 ? 9  G A N2     1 
ATOM 278  N N3     . G A 1 9  ? 3.460   -8.176  4.303   1.00 0.00 ? 9  G A N3     1 
ATOM 279  C C4     . G A 1 9  ? 3.457   -8.138  2.946   1.00 0.00 ? 9  G A C4     1 
ATOM 280  H "H5'"  . G A 1 9  ? 6.098   -11.782 -0.709  1.00 0.00 ? 9  G A "H5'"  1 
ATOM 281  H "H5''" . G A 1 9  ? 5.113   -13.249 -0.874  1.00 0.00 ? 9  G A "H5''" 1 
ATOM 282  H "H4'"  . G A 1 9  ? 5.317   -13.005 1.444   1.00 0.00 ? 9  G A "H4'"  1 
ATOM 283  H "H3'"  . G A 1 9  ? 2.699   -11.683 0.577   1.00 0.00 ? 9  G A "H3'"  1 
ATOM 284  H "H2'"  . G A 1 9  ? 2.341   -11.044 2.870   1.00 0.00 ? 9  G A "H2'"  1 
ATOM 285  H "HO2'" . G A 1 9  ? 3.172   -12.181 4.499   1.00 0.00 ? 9  G A "HO2'" 1 
ATOM 286  H "H1'"  . G A 1 9  ? 4.949   -10.337 3.463   1.00 0.00 ? 9  G A "H1'"  1 
ATOM 287  H H8     . G A 1 9  ? 3.927   -9.246  -0.058  1.00 0.00 ? 9  G A H8     1 
ATOM 288  H H1     . G A 1 9  ? 2.216   -5.157  4.584   1.00 0.00 ? 9  G A H1     1 
ATOM 289  H H21    . G A 1 9  ? 2.689   -6.033  6.579   1.00 0.00 ? 9  G A H21    1 
ATOM 290  H H22    . G A 1 9  ? 3.190   -7.701  6.751   1.00 0.00 ? 9  G A H22    1 
ATOM 291  P P      . G A 1 10 ? 1.409   -14.000 1.353   1.00 0.00 ? 10 G A P      1 
ATOM 292  O OP1    . G A 1 10 ? 1.378   -15.286 0.621   1.00 0.00 ? 10 G A OP1    1 
ATOM 293  O OP2    . G A 1 10 ? 0.631   -12.847 0.848   1.00 0.00 ? 10 G A OP2    1 
ATOM 294  O "O5'"  . G A 1 10 ? 0.967   -14.276 2.877   1.00 0.00 ? 10 G A "O5'"  1 
ATOM 295  C "C5'"  . G A 1 10 ? -0.412  -14.220 3.263   1.00 0.00 ? 10 G A "C5'"  1 
ATOM 296  C "C4'"  . G A 1 10 ? -0.584  -13.534 4.615   1.00 0.00 ? 10 G A "C4'"  1 
ATOM 297  O "O4'"  . G A 1 10 ? 0.285   -12.397 4.681   1.00 0.00 ? 10 G A "O4'"  1 
ATOM 298  C "C3'"  . G A 1 10 ? -1.968  -12.957 4.869   1.00 0.00 ? 10 G A "C3'"  1 
ATOM 299  O "O3'"  . G A 1 10 ? -2.722  -13.954 5.563   1.00 0.00 ? 10 G A "O3'"  1 
ATOM 300  C "C2'"  . G A 1 10 ? -1.692  -11.836 5.854   1.00 0.00 ? 10 G A "C2'"  1 
ATOM 301  O "O2'"  . G A 1 10 ? -1.551  -12.352 7.180   1.00 0.00 ? 10 G A "O2'"  1 
ATOM 302  C "C1'"  . G A 1 10 ? -0.359  -11.296 5.343   1.00 0.00 ? 10 G A "C1'"  1 
ATOM 303  N N9     . G A 1 10 ? -0.537  -10.203 4.370   1.00 0.00 ? 10 G A N9     1 
ATOM 304  C C8     . G A 1 10 ? -0.299  -10.214 3.020   1.00 0.00 ? 10 G A C8     1 
ATOM 305  N N7     . G A 1 10 ? -0.551  -9.078  2.433   1.00 0.00 ? 10 G A N7     1 
ATOM 306  C C5     . G A 1 10 ? -0.987  -8.256  3.464   1.00 0.00 ? 10 G A C5     1 
ATOM 307  C C6     . G A 1 10 ? -1.406  -6.899  3.432   1.00 0.00 ? 10 G A C6     1 
ATOM 308  O O6     . G A 1 10 ? -1.445  -6.135  2.470   1.00 0.00 ? 10 G A O6     1 
ATOM 309  N N1     . G A 1 10 ? -1.771  -6.448  4.690   1.00 0.00 ? 10 G A N1     1 
ATOM 310  C C2     . G A 1 10 ? -1.734  -7.200  5.840   1.00 0.00 ? 10 G A C2     1 
ATOM 311  N N2     . G A 1 10 ? -2.107  -6.596  6.968   1.00 0.00 ? 10 G A N2     1 
ATOM 312  N N3     . G A 1 10 ? -1.341  -8.476  5.884   1.00 0.00 ? 10 G A N3     1 
ATOM 313  C C4     . G A 1 10 ? -0.984  -8.936  4.660   1.00 0.00 ? 10 G A C4     1 
ATOM 314  H "H5'"  . G A 1 10 ? -0.804  -15.235 3.328   1.00 0.00 ? 10 G A "H5'"  1 
ATOM 315  H "H5''" . G A 1 10 ? -0.974  -13.669 2.510   1.00 0.00 ? 10 G A "H5''" 1 
ATOM 316  H "H4'"  . G A 1 10 ? -0.312  -14.235 5.405   1.00 0.00 ? 10 G A "H4'"  1 
ATOM 317  H "H3'"  . G A 1 10 ? -2.472  -12.622 3.963   1.00 0.00 ? 10 G A "H3'"  1 
ATOM 318  H "H2'"  . G A 1 10 ? -2.466  -11.071 5.806   1.00 0.00 ? 10 G A "H2'"  1 
ATOM 319  H "HO2'" . G A 1 10 ? -1.981  -13.209 7.200   1.00 0.00 ? 10 G A "HO2'" 1 
ATOM 320  H "H1'"  . G A 1 10 ? 0.266   -10.950 6.167   1.00 0.00 ? 10 G A "H1'"  1 
ATOM 321  H H8     . G A 1 10 ? 0.053   -11.095 2.487   1.00 0.00 ? 10 G A H8     1 
ATOM 322  H H1     . G A 1 10 ? -2.110  -5.501  4.755   1.00 0.00 ? 10 G A H1     1 
ATOM 323  H H21    . G A 1 10 ? -2.328  -5.610  6.964   1.00 0.00 ? 10 G A H21    1 
ATOM 324  H H22    . G A 1 10 ? -2.165  -7.122  7.829   1.00 0.00 ? 10 G A H22    1 
ATOM 325  P P      . A A 1 11 ? -4.317  -14.053 5.364   1.00 0.00 ? 11 A A P      1 
ATOM 326  O OP1    . A A 1 11 ? -4.813  -15.190 6.171   1.00 0.00 ? 11 A A OP1    1 
ATOM 327  O OP2    . A A 1 11 ? -4.607  -13.994 3.913   1.00 0.00 ? 11 A A OP2    1 
ATOM 328  O "O5'"  . A A 1 11 ? -4.841  -12.687 6.037   1.00 0.00 ? 11 A A "O5'"  1 
ATOM 329  C "C5'"  . A A 1 11 ? -4.998  -12.593 7.455   1.00 0.00 ? 11 A A "C5'"  1 
ATOM 330  C "C4'"  . A A 1 11 ? -5.179  -11.148 7.907   1.00 0.00 ? 11 A A "C4'"  1 
ATOM 331  O "O4'"  . A A 1 11 ? -4.193  -10.326 7.277   1.00 0.00 ? 11 A A "O4'"  1 
ATOM 332  C "C3'"  . A A 1 11 ? -6.494  -10.512 7.500   1.00 0.00 ? 11 A A "C3'"  1 
ATOM 333  O "O3'"  . A A 1 11 ? -7.423  -10.735 8.563   1.00 0.00 ? 11 A A "O3'"  1 
ATOM 334  C "C2'"  . A A 1 11 ? -6.165  -9.028  7.498   1.00 0.00 ? 11 A A "C2'"  1 
ATOM 335  O "O2'"  . A A 1 11 ? -6.247  -8.495  8.822   1.00 0.00 ? 11 A A "O2'"  1 
ATOM 336  C "C1'"  . A A 1 11 ? -4.720  -9.016  7.003   1.00 0.00 ? 11 A A "C1'"  1 
ATOM 337  N N9     . A A 1 11 ? -4.633  -8.758  5.551   1.00 0.00 ? 11 A A N9     1 
ATOM 338  C C8     . A A 1 11 ? -4.513  -9.659  4.524   1.00 0.00 ? 11 A A C8     1 
ATOM 339  N N7     . A A 1 11 ? -4.456  -9.104  3.344   1.00 0.00 ? 11 A A N7     1 
ATOM 340  C C5     . A A 1 11 ? -4.546  -7.744  3.613   1.00 0.00 ? 11 A A C5     1 
ATOM 341  C C6     . A A 1 11 ? -4.545  -6.611  2.786   1.00 0.00 ? 11 A A C6     1 
ATOM 342  N N6     . A A 1 11 ? -4.445  -6.666  1.458   1.00 0.00 ? 11 A A N6     1 
ATOM 343  N N1     . A A 1 11 ? -4.650  -5.409  3.373   1.00 0.00 ? 11 A A N1     1 
ATOM 344  C C2     . A A 1 11 ? -4.749  -5.340  4.693   1.00 0.00 ? 11 A A C2     1 
ATOM 345  N N3     . A A 1 11 ? -4.762  -6.326  5.580   1.00 0.00 ? 11 A A N3     1 
ATOM 346  C C4     . A A 1 11 ? -4.654  -7.519  4.956   1.00 0.00 ? 11 A A C4     1 
ATOM 347  H "H5'"  . A A 1 11 ? -4.113  -13.009 7.939   1.00 0.00 ? 11 A A "H5'"  1 
ATOM 348  H "H5''" . A A 1 11 ? -5.872  -13.172 7.756   1.00 0.00 ? 11 A A "H5''" 1 
ATOM 349  H "H4'"  . A A 1 11 ? -5.047  -11.096 8.988   1.00 0.00 ? 11 A A "H4'"  1 
ATOM 350  H "H3'"  . A A 1 11 ? -6.874  -10.872 6.544   1.00 0.00 ? 11 A A "H3'"  1 
ATOM 351  H "H2'"  . A A 1 11 ? -6.812  -8.487  6.815   1.00 0.00 ? 11 A A "H2'"  1 
ATOM 352  H "HO2'" . A A 1 11 ? -6.304  -7.540  8.743   1.00 0.00 ? 11 A A "HO2'" 1 
ATOM 353  H "H1'"  . A A 1 11 ? -4.132  -8.271  7.537   1.00 0.00 ? 11 A A "H1'"  1 
ATOM 354  H H8     . A A 1 11 ? -4.478  -10.737 4.676   1.00 0.00 ? 11 A A H8     1 
ATOM 355  H H61    . A A 1 11 ? -4.378  -5.813  0.920   1.00 0.00 ? 11 A A H61    1 
ATOM 356  H H62    . A A 1 11 ? -4.436  -7.560  0.989   1.00 0.00 ? 11 A A H62    1 
ATOM 357  H H2     . A A 1 11 ? -4.837  -4.334  5.105   1.00 0.00 ? 11 A A H2     1 
ATOM 358  P P      . G A 1 12 ? -9.000  -10.506 8.331   1.00 0.00 ? 12 G A P      1 
ATOM 359  O OP1    . G A 1 12 ? -9.691  -10.680 9.628   1.00 0.00 ? 12 G A OP1    1 
ATOM 360  O OP2    . G A 1 12 ? -9.417  -11.311 7.160   1.00 0.00 ? 12 G A OP2    1 
ATOM 361  O "O5'"  . G A 1 12 ? -9.078  -8.949  7.924   1.00 0.00 ? 12 G A "O5'"  1 
ATOM 362  C "C5'"  . G A 1 12 ? -9.637  -7.992  8.827   1.00 0.00 ? 12 G A "C5'"  1 
ATOM 363  C "C4'"  . G A 1 12 ? -9.164  -6.566  8.499   1.00 0.00 ? 12 G A "C4'"  1 
ATOM 364  O "O4'"  . G A 1 12 ? -8.114  -6.632  7.525   1.00 0.00 ? 12 G A "O4'"  1 
ATOM 365  C "C3'"  . G A 1 12 ? -10.200 -5.664  7.844   1.00 0.00 ? 12 G A "C3'"  1 
ATOM 366  O "O3'"  . G A 1 12 ? -10.882 -4.967  8.889   1.00 0.00 ? 12 G A "O3'"  1 
ATOM 367  C "C2'"  . G A 1 12 ? -9.339  -4.652  7.110   1.00 0.00 ? 12 G A "C2'"  1 
ATOM 368  O "O2'"  . G A 1 12 ? -8.834  -3.669  8.017   1.00 0.00 ? 12 G A "O2'"  1 
ATOM 369  C "C1'"  . G A 1 12 ? -8.209  -5.539  6.593   1.00 0.00 ? 12 G A "C1'"  1 
ATOM 370  N N9     . G A 1 12 ? -8.497  -6.082  5.251   1.00 0.00 ? 12 G A N9     1 
ATOM 371  C C8     . G A 1 12 ? -8.751  -7.381  4.886   1.00 0.00 ? 12 G A C8     1 
ATOM 372  N N7     . G A 1 12 ? -8.991  -7.531  3.613   1.00 0.00 ? 12 G A N7     1 
ATOM 373  C C5     . G A 1 12 ? -8.889  -6.245  3.097   1.00 0.00 ? 12 G A C5     1 
ATOM 374  C C6     . G A 1 12 ? -9.052  -5.785  1.762   1.00 0.00 ? 12 G A C6     1 
ATOM 375  O O6     . G A 1 12 ? -9.314  -6.441  0.756   1.00 0.00 ? 12 G A O6     1 
ATOM 376  N N1     . G A 1 12 ? -8.867  -4.416  1.669   1.00 0.00 ? 12 G A N1     1 
ATOM 377  C C2     . G A 1 12 ? -8.561  -3.585  2.722   1.00 0.00 ? 12 G A C2     1 
ATOM 378  N N2     . G A 1 12 ? -8.402  -2.292  2.441   1.00 0.00 ? 12 G A N2     1 
ATOM 379  N N3     . G A 1 12 ? -8.407  -4.006  3.981   1.00 0.00 ? 12 G A N3     1 
ATOM 380  C C4     . G A 1 12 ? -8.587  -5.345  4.092   1.00 0.00 ? 12 G A C4     1 
ATOM 381  H "H5'"  . G A 1 12 ? -9.335  -8.251  9.844   1.00 0.00 ? 12 G A "H5'"  1 
ATOM 382  H "H5''" . G A 1 12 ? -10.726 -8.039  8.762   1.00 0.00 ? 12 G A "H5''" 1 
ATOM 383  H "H4'"  . G A 1 12 ? -8.773  -6.096  9.404   1.00 0.00 ? 12 G A "H4'"  1 
ATOM 384  H "H3'"  . G A 1 12 ? -10.891 -6.200  7.192   1.00 0.00 ? 12 G A "H3'"  1 
ATOM 385  H "H2'"  . G A 1 12 ? -9.883  -4.192  6.288   1.00 0.00 ? 12 G A "H2'"  1 
ATOM 386  H "HO2'" . G A 1 12 ? -8.451  -2.965  7.490   1.00 0.00 ? 12 G A "HO2'" 1 
ATOM 387  H "H1'"  . G A 1 12 ? -7.263  -4.997  6.571   1.00 0.00 ? 12 G A "H1'"  1 
ATOM 388  H H8     . G A 1 12 ? -8.753  -8.210  5.592   1.00 0.00 ? 12 G A H8     1 
ATOM 389  H H1     . G A 1 12 ? -8.980  -4.000  0.757   1.00 0.00 ? 12 G A H1     1 
ATOM 390  H H21    . G A 1 12 ? -8.432  -1.974  1.482   1.00 0.00 ? 12 G A H21    1 
ATOM 391  H H22    . G A 1 12 ? -8.245  -1.629  3.187   1.00 0.00 ? 12 G A H22    1 
ATOM 392  P P      . G A 1 13 ? -12.481 -4.784  8.837   1.00 0.00 ? 13 G A P      1 
ATOM 393  O OP1    . G A 1 13 ? -12.925 -4.217  10.129  1.00 0.00 ? 13 G A OP1    1 
ATOM 394  O OP2    . G A 1 13 ? -13.075 -6.046  8.342   1.00 0.00 ? 13 G A OP2    1 
ATOM 395  O "O5'"  . G A 1 13 ? -12.668 -3.659  7.702   1.00 0.00 ? 13 G A "O5'"  1 
ATOM 396  C "C5'"  . G A 1 13 ? -12.278 -2.307  7.955   1.00 0.00 ? 13 G A "C5'"  1 
ATOM 397  C "C4'"  . G A 1 13 ? -12.517 -1.412  6.743   1.00 0.00 ? 13 G A "C4'"  1 
ATOM 398  O "O4'"  . G A 1 13 ? -11.612 -1.769  5.696   1.00 0.00 ? 13 G A "O4'"  1 
ATOM 399  C "C3'"  . G A 1 13 ? -13.878 -1.555  6.092   1.00 0.00 ? 13 G A "C3'"  1 
ATOM 400  O "O3'"  . G A 1 13 ? -14.765 -0.646  6.747   1.00 0.00 ? 13 G A "O3'"  1 
ATOM 401  C "C2'"  . G A 1 13 ? -13.628 -1.015  4.694   1.00 0.00 ? 13 G A "C2'"  1 
ATOM 402  O "O2'"  . G A 1 13 ? -13.670 0.414   4.693   1.00 0.00 ? 13 G A "O2'"  1 
ATOM 403  C "C1'"  . G A 1 13 ? -12.208 -1.509  4.412   1.00 0.00 ? 13 G A "C1'"  1 
ATOM 404  N N9     . G A 1 13 ? -12.197 -2.756  3.620   1.00 0.00 ? 13 G A N9     1 
ATOM 405  C C8     . G A 1 13 ? -12.030 -4.047  4.052   1.00 0.00 ? 13 G A C8     1 
ATOM 406  N N7     . G A 1 13 ? -12.073 -4.930  3.094   1.00 0.00 ? 13 G A N7     1 
ATOM 407  C C5     . G A 1 13 ? -12.287 -4.174  1.948   1.00 0.00 ? 13 G A C5     1 
ATOM 408  C C6     . G A 1 13 ? -12.424 -4.587  0.594   1.00 0.00 ? 13 G A C6     1 
ATOM 409  O O6     . G A 1 13 ? -12.364 -5.726  0.136   1.00 0.00 ? 13 G A O6     1 
ATOM 410  N N1     . G A 1 13 ? -12.631 -3.510  -0.251  1.00 0.00 ? 13 G A N1     1 
ATOM 411  C C2     . G A 1 13 ? -12.692 -2.194  0.147   1.00 0.00 ? 13 G A C2     1 
ATOM 412  N N2     . G A 1 13 ? -12.881 -1.282  -0.808  1.00 0.00 ? 13 G A N2     1 
ATOM 413  N N3     . G A 1 13 ? -12.565 -1.793  1.415   1.00 0.00 ? 13 G A N3     1 
ATOM 414  C C4     . G A 1 13 ? -12.365 -2.837  2.258   1.00 0.00 ? 13 G A C4     1 
ATOM 415  H "H5'"  . G A 1 13 ? -11.219 -2.285  8.209   1.00 0.00 ? 13 G A "H5'"  1 
ATOM 416  H "H5''" . G A 1 13 ? -12.855 -1.924  8.798   1.00 0.00 ? 13 G A "H5''" 1 
ATOM 417  H "H4'"  . G A 1 13 ? -12.338 -0.375  7.029   1.00 0.00 ? 13 G A "H4'"  1 
ATOM 418  H "H3'"  . G A 1 13 ? -14.258 -2.576  6.101   1.00 0.00 ? 13 G A "H3'"  1 
ATOM 419  H "H2'"  . G A 1 13 ? -14.335 -1.430  3.978   1.00 0.00 ? 13 G A "H2'"  1 
ATOM 420  H "HO2'" . G A 1 13 ? -12.795 0.726   4.452   1.00 0.00 ? 13 G A "HO2'" 1 
ATOM 421  H "H1'"  . G A 1 13 ? -11.627 -0.749  3.892   1.00 0.00 ? 13 G A "H1'"  1 
ATOM 422  H H8     . G A 1 13 ? -11.880 -4.312  5.097   1.00 0.00 ? 13 G A H8     1 
ATOM 423  H H1     . G A 1 13 ? -12.763 -3.714  -1.230  1.00 0.00 ? 13 G A H1     1 
ATOM 424  H H21    . G A 1 13 ? -12.895 -1.563  -1.779  1.00 0.00 ? 13 G A H21    1 
ATOM 425  H H22    . G A 1 13 ? -13.003 -0.311  -0.561  1.00 0.00 ? 13 G A H22    1 
ATOM 426  P P      . C A 1 14 ? -16.294 -1.065  7.031   1.00 0.00 ? 14 C A P      1 
ATOM 427  O OP1    . C A 1 14 ? -16.959 0.059   7.729   1.00 0.00 ? 14 C A OP1    1 
ATOM 428  O OP2    . C A 1 14 ? -16.300 -2.416  7.635   1.00 0.00 ? 14 C A OP2    1 
ATOM 429  O "O5'"  . C A 1 14 ? -16.912 -1.172  5.548   1.00 0.00 ? 14 C A "O5'"  1 
ATOM 430  C "C5'"  . C A 1 14 ? -17.694 -0.102  5.012   1.00 0.00 ? 14 C A "C5'"  1 
ATOM 431  C "C4'"  . C A 1 14 ? -18.168 -0.401  3.593   1.00 0.00 ? 14 C A "C4'"  1 
ATOM 432  O "O4'"  . C A 1 14 ? -17.052 -0.767  2.782   1.00 0.00 ? 14 C A "O4'"  1 
ATOM 433  C "C3'"  . C A 1 14 ? -19.103 -1.586  3.461   1.00 0.00 ? 14 C A "C3'"  1 
ATOM 434  O "O3'"  . C A 1 14 ? -20.437 -1.097  3.617   1.00 0.00 ? 14 C A "O3'"  1 
ATOM 435  C "C2'"  . C A 1 14 ? -18.940 -1.984  2.001   1.00 0.00 ? 14 C A "C2'"  1 
ATOM 436  O "O2'"  . C A 1 14 ? -19.788 -1.191  1.168   1.00 0.00 ? 14 C A "O2'"  1 
ATOM 437  C "C1'"  . C A 1 14 ? -17.467 -1.661  1.732   1.00 0.00 ? 14 C A "C1'"  1 
ATOM 438  N N1     . C A 1 14 ? -16.617 -2.873  1.771   1.00 0.00 ? 14 C A N1     1 
ATOM 439  C C2     . C A 1 14 ? -16.412 -3.564  0.582   1.00 0.00 ? 14 C A C2     1 
ATOM 440  O O2     . C A 1 14 ? -16.922 -3.163  -0.462  1.00 0.00 ? 14 C A O2     1 
ATOM 441  N N3     . C A 1 14 ? -15.644 -4.688  0.601   1.00 0.00 ? 14 C A N3     1 
ATOM 442  C C4     . C A 1 14 ? -15.097 -5.123  1.743   1.00 0.00 ? 14 C A C4     1 
ATOM 443  N N4     . C A 1 14 ? -14.361 -6.234  1.696   1.00 0.00 ? 14 C A N4     1 
ATOM 444  C C5     . C A 1 14 ? -15.301 -4.418  2.971   1.00 0.00 ? 14 C A C5     1 
ATOM 445  C C6     . C A 1 14 ? -16.062 -3.307  2.940   1.00 0.00 ? 14 C A C6     1 
ATOM 446  H "H5'"  . C A 1 14 ? -17.091 0.806   5.001   1.00 0.00 ? 14 C A "H5'"  1 
ATOM 447  H "H5''" . C A 1 14 ? -18.563 0.057   5.650   1.00 0.00 ? 14 C A "H5''" 1 
ATOM 448  H "H4'"  . C A 1 14 ? -18.628 0.497   3.178   1.00 0.00 ? 14 C A "H4'"  1 
ATOM 449  H "H3'"  . C A 1 14 ? -18.881 -2.392  4.158   1.00 0.00 ? 14 C A "H3'"  1 
ATOM 450  H "H2'"  . C A 1 14 ? -19.135 -3.046  1.863   1.00 0.00 ? 14 C A "H2'"  1 
ATOM 451  H "HO2'" . C A 1 14 ? -19.340 -1.081  0.326   1.00 0.00 ? 14 C A "HO2'" 1 
ATOM 452  H "H1'"  . C A 1 14 ? -17.351 -1.157  0.771   1.00 0.00 ? 14 C A "H1'"  1 
ATOM 453  H H41    . C A 1 14 ? -14.293 -6.760  0.834   1.00 0.00 ? 14 C A H41    1 
ATOM 454  H H42    . C A 1 14 ? -13.871 -6.551  2.521   1.00 0.00 ? 14 C A H42    1 
ATOM 455  H H5     . C A 1 14 ? -14.859 -4.761  3.907   1.00 0.00 ? 14 C A H5     1 
ATOM 456  H H6     . C A 1 14 ? -16.241 -2.750  3.860   1.00 0.00 ? 14 C A H6     1 
ATOM 457  P P      . U A 1 15 ? -21.652 -2.115  3.899   1.00 0.00 ? 15 U A P      1 
ATOM 458  O OP1    . U A 1 15 ? -22.870 -1.320  4.170   1.00 0.00 ? 15 U A OP1    1 
ATOM 459  O OP2    . U A 1 15 ? -21.195 -3.121  4.883   1.00 0.00 ? 15 U A OP2    1 
ATOM 460  O "O5'"  . U A 1 15 ? -21.836 -2.849  2.477   1.00 0.00 ? 15 U A "O5'"  1 
ATOM 461  C "C5'"  . U A 1 15 ? -22.835 -2.404  1.557   1.00 0.00 ? 15 U A "C5'"  1 
ATOM 462  C "C4'"  . U A 1 15 ? -22.902 -3.290  0.314   1.00 0.00 ? 15 U A "C4'"  1 
ATOM 463  O "O4'"  . U A 1 15 ? -21.581 -3.646  -0.098  1.00 0.00 ? 15 U A "O4'"  1 
ATOM 464  C "C3'"  . U A 1 15 ? -23.568 -4.636  0.513   1.00 0.00 ? 15 U A "C3'"  1 
ATOM 465  O "O3'"  . U A 1 15 ? -24.971 -4.461  0.310   1.00 0.00 ? 15 U A "O3'"  1 
ATOM 466  C "C2'"  . U A 1 15 ? -23.038 -5.432  -0.667  1.00 0.00 ? 15 U A "C2'"  1 
ATOM 467  O "O2'"  . U A 1 15 ? -23.767 -5.113  -1.856  1.00 0.00 ? 15 U A "O2'"  1 
ATOM 468  C "C1'"  . U A 1 15 ? -21.597 -4.924  -0.768  1.00 0.00 ? 15 U A "C1'"  1 
ATOM 469  N N1     . U A 1 15 ? -20.644 -5.841  -0.098  1.00 0.00 ? 15 U A N1     1 
ATOM 470  C C2     . U A 1 15 ? -20.169 -6.917  -0.830  1.00 0.00 ? 15 U A C2     1 
ATOM 471  O O2     . U A 1 15 ? -20.486 -7.110  -2.002  1.00 0.00 ? 15 U A O2     1 
ATOM 472  N N3     . U A 1 15 ? -19.304 -7.765  -0.170  1.00 0.00 ? 15 U A N3     1 
ATOM 473  C C4     . U A 1 15 ? -18.873 -7.637  1.137   1.00 0.00 ? 15 U A C4     1 
ATOM 474  O O4     . U A 1 15 ? -18.092 -8.460  1.609   1.00 0.00 ? 15 U A O4     1 
ATOM 475  C C5     . U A 1 15 ? -19.409 -6.493  1.836   1.00 0.00 ? 15 U A C5     1 
ATOM 476  C C6     . U A 1 15 ? -20.264 -5.646  1.207   1.00 0.00 ? 15 U A C6     1 
ATOM 477  H "H5'"  . U A 1 15 ? -22.606 -1.382  1.253   1.00 0.00 ? 15 U A "H5'"  1 
ATOM 478  H "H5''" . U A 1 15 ? -23.806 -2.416  2.054   1.00 0.00 ? 15 U A "H5''" 1 
ATOM 479  H "H4'"  . U A 1 15 ? -23.388 -2.737  -0.490  1.00 0.00 ? 15 U A "H4'"  1 
ATOM 480  H "H3'"  . U A 1 15 ? -23.348 -5.092  1.478   1.00 0.00 ? 15 U A "H3'"  1 
ATOM 481  H "H2'"  . U A 1 15 ? -23.062 -6.500  -0.463  1.00 0.00 ? 15 U A "H2'"  1 
ATOM 482  H "HO2'" . U A 1 15 ? -24.031 -5.944  -2.259  1.00 0.00 ? 15 U A "HO2'" 1 
ATOM 483  H "H1'"  . U A 1 15 ? -21.304 -4.784  -1.810  1.00 0.00 ? 15 U A "H1'"  1 
ATOM 484  H H3     . U A 1 15 ? -18.962 -8.559  -0.687  1.00 0.00 ? 15 U A H3     1 
ATOM 485  H H5     . U A 1 15 ? -19.126 -6.308  2.872   1.00 0.00 ? 15 U A H5     1 
ATOM 486  H H6     . U A 1 15 ? -20.665 -4.798  1.757   1.00 0.00 ? 15 U A H6     1 
ATOM 487  P P      . C A 1 16 ? -26.005 -5.608  0.766   1.00 0.00 ? 16 C A P      1 
ATOM 488  O OP1    . C A 1 16 ? -27.362 -5.212  0.325   1.00 0.00 ? 16 C A OP1    1 
ATOM 489  O OP2    . C A 1 16 ? -25.755 -5.919  2.192   1.00 0.00 ? 16 C A OP2    1 
ATOM 490  O "O5'"  . C A 1 16 ? -25.539 -6.875  -0.114  1.00 0.00 ? 16 C A "O5'"  1 
ATOM 491  C "C5'"  . C A 1 16 ? -26.112 -7.106  -1.403  1.00 0.00 ? 16 C A "C5'"  1 
ATOM 492  C "C4'"  . C A 1 16 ? -25.428 -8.260  -2.134  1.00 0.00 ? 16 C A "C4'"  1 
ATOM 493  O "O4'"  . C A 1 16 ? -24.018 -8.192  -1.932  1.00 0.00 ? 16 C A "O4'"  1 
ATOM 494  C "C3'"  . C A 1 16 ? -25.787 -9.646  -1.636  1.00 0.00 ? 16 C A "C3'"  1 
ATOM 495  O "O3'"  . C A 1 16 ? -27.029 -10.078 -2.198  1.00 0.00 ? 16 C A "O3'"  1 
ATOM 496  C "C2'"  . C A 1 16 ? -24.628 -10.468 -2.192  1.00 0.00 ? 16 C A "C2'"  1 
ATOM 497  O "O2'"  . C A 1 16 ? -24.861 -10.795 -3.564  1.00 0.00 ? 16 C A "O2'"  1 
ATOM 498  C "C1'"  . C A 1 16 ? -23.444 -9.503  -2.064  1.00 0.00 ? 16 C A "C1'"  1 
ATOM 499  N N1     . C A 1 16 ? -22.611 -9.790  -0.871  1.00 0.00 ? 16 C A N1     1 
ATOM 500  C C2     . C A 1 16 ? -21.541 -10.665 -1.022  1.00 0.00 ? 16 C A C2     1 
ATOM 501  O O2     . C A 1 16 ? -21.308 -11.173 -2.117  1.00 0.00 ? 16 C A O2     1 
ATOM 502  N N3     . C A 1 16 ? -20.766 -10.943 0.060   1.00 0.00 ? 16 C A N3     1 
ATOM 503  C C4     . C A 1 16 ? -21.025 -10.386 1.249   1.00 0.00 ? 16 C A C4     1 
ATOM 504  N N4     . C A 1 16 ? -20.223 -10.694 2.269   1.00 0.00 ? 16 C A N4     1 
ATOM 505  C C5     . C A 1 16 ? -22.124 -9.485  1.416   1.00 0.00 ? 16 C A C5     1 
ATOM 506  C C6     . C A 1 16 ? -22.887 -9.216  0.337   1.00 0.00 ? 16 C A C6     1 
ATOM 507  H "H5'"  . C A 1 16 ? -26.014 -6.200  -2.001  1.00 0.00 ? 16 C A "H5'"  1 
ATOM 508  H "H5''" . C A 1 16 ? -27.169 -7.339  -1.284  1.00 0.00 ? 16 C A "H5''" 1 
ATOM 509  H "H4'"  . C A 1 16 ? -25.636 -8.173  -3.201  1.00 0.00 ? 16 C A "H4'"  1 
ATOM 510  H "H3'"  . C A 1 16 ? -25.809 -9.680  -0.547  1.00 0.00 ? 16 C A "H3'"  1 
ATOM 511  H "HO3'" . C A 1 16 ? -27.390 -10.747 -1.611  1.00 0.00 ? 16 C A "HO3'" 1 
ATOM 512  H "H2'"  . C A 1 16 ? -24.466 -11.365 -1.595  1.00 0.00 ? 16 C A "H2'"  1 
ATOM 513  H "HO2'" . C A 1 16 ? -24.541 -10.060 -4.091  1.00 0.00 ? 16 C A "HO2'" 1 
ATOM 514  H "H1'"  . C A 1 16 ? -22.824 -9.527  -2.963  1.00 0.00 ? 16 C A "H1'"  1 
ATOM 515  H H41    . C A 1 16 ? -19.406 -11.271 2.113   1.00 0.00 ? 16 C A H41    1 
ATOM 516  H H42    . C A 1 16 ? -20.429 -10.351 3.196   1.00 0.00 ? 16 C A H42    1 
ATOM 517  H H5     . C A 1 16 ? -22.346 -9.026  2.379   1.00 0.00 ? 16 C A H5     1 
ATOM 518  H H6     . C A 1 16 ? -23.735 -8.539  0.433   1.00 0.00 ? 16 C A H6     1 
ATOM 519  O "O5'"  . G B 2 1  ? 21.842  11.982  2.449   1.00 0.00 ? 17 G B "O5'"  1 
ATOM 520  C "C5'"  . G B 2 1  ? 22.560  12.537  3.554   1.00 0.00 ? 17 G B "C5'"  1 
ATOM 521  C "C4'"  . G B 2 1  ? 21.848  13.757  4.130   1.00 0.00 ? 17 G B "C4'"  1 
ATOM 522  O "O4'"  . G B 2 1  ? 22.008  14.864  3.234   1.00 0.00 ? 17 G B "O4'"  1 
ATOM 523  C "C3'"  . G B 2 1  ? 20.344  13.611  4.268   1.00 0.00 ? 17 G B "C3'"  1 
ATOM 524  O "O3'"  . G B 2 1  ? 20.080  13.131  5.589   1.00 0.00 ? 17 G B "O3'"  1 
ATOM 525  C "C2'"  . G B 2 1  ? 19.859  15.048  4.205   1.00 0.00 ? 17 G B "C2'"  1 
ATOM 526  O "O2'"  . G B 2 1  ? 20.037  15.696  5.467   1.00 0.00 ? 17 G B "O2'"  1 
ATOM 527  C "C1'"  . G B 2 1  ? 20.799  15.641  3.159   1.00 0.00 ? 17 G B "C1'"  1 
ATOM 528  N N9     . G B 2 1  ? 20.252  15.523  1.793   1.00 0.00 ? 17 G B N9     1 
ATOM 529  C C8     . G B 2 1  ? 20.797  14.889  0.707   1.00 0.00 ? 17 G B C8     1 
ATOM 530  N N7     . G B 2 1  ? 20.053  14.947  -0.363  1.00 0.00 ? 17 G B N7     1 
ATOM 531  C C5     . G B 2 1  ? 18.939  15.672  0.042   1.00 0.00 ? 17 G B C5     1 
ATOM 532  C C6     . G B 2 1  ? 17.784  16.056  -0.694  1.00 0.00 ? 17 G B C6     1 
ATOM 533  O O6     . G B 2 1  ? 17.520  15.837  -1.876  1.00 0.00 ? 17 G B O6     1 
ATOM 534  N N1     . G B 2 1  ? 16.899  16.775  0.089   1.00 0.00 ? 17 G B N1     1 
ATOM 535  C C2     . G B 2 1  ? 17.089  17.097  1.411   1.00 0.00 ? 17 G B C2     1 
ATOM 536  N N2     . G B 2 1  ? 16.131  17.816  1.997   1.00 0.00 ? 17 G B N2     1 
ATOM 537  N N3     . G B 2 1  ? 18.169  16.743  2.114   1.00 0.00 ? 17 G B N3     1 
ATOM 538  C C4     . G B 2 1  ? 19.049  16.033  1.364   1.00 0.00 ? 17 G B C4     1 
ATOM 539  H "H5'"  . G B 2 1  ? 23.555  12.830  3.220   1.00 0.00 ? 17 G B "H5'"  1 
ATOM 540  H "H5''" . G B 2 1  ? 22.656  11.780  4.333   1.00 0.00 ? 17 G B "H5''" 1 
ATOM 541  H "H4'"  . G B 2 1  ? 22.299  14.009  5.089   1.00 0.00 ? 17 G B "H4'"  1 
ATOM 542  H "H3'"  . G B 2 1  ? 19.900  12.970  3.506   1.00 0.00 ? 17 G B "H3'"  1 
ATOM 543  H "H2'"  . G B 2 1  ? 18.823  15.101  3.875   1.00 0.00 ? 17 G B "H2'"  1 
ATOM 544  H "HO2'" . G B 2 1  ? 20.971  15.894  5.557   1.00 0.00 ? 17 G B "HO2'" 1 
ATOM 545  H "H1'"  . G B 2 1  ? 21.023  16.685  3.375   1.00 0.00 ? 17 G B "H1'"  1 
ATOM 546  H H8     . G B 2 1  ? 21.757  14.377  0.737   1.00 0.00 ? 17 G B H8     1 
ATOM 547  H H1     . G B 2 1  ? 16.042  17.067  -0.347  1.00 0.00 ? 17 G B H1     1 
ATOM 548  H H21    . G B 2 1  ? 15.349  18.159  1.451   1.00 0.00 ? 17 G B H21    1 
ATOM 549  H H22    . G B 2 1  ? 16.187  18.022  2.985   1.00 0.00 ? 17 G B H22    1 
ATOM 550  H "HO5'" . G B 2 1  ? 22.083  12.485  1.670   1.00 0.00 ? 17 G B "HO5'" 1 
ATOM 551  P P      . C B 2 2  ? 18.951  12.008  5.836   1.00 0.00 ? 18 C B P      1 
ATOM 552  O OP1    . C B 2 2  ? 18.885  11.730  7.288   1.00 0.00 ? 18 C B OP1    1 
ATOM 553  O OP2    . C B 2 2  ? 19.184  10.900  4.882   1.00 0.00 ? 18 C B OP2    1 
ATOM 554  O "O5'"  . C B 2 2  ? 17.600  12.770  5.406   1.00 0.00 ? 18 C B "O5'"  1 
ATOM 555  C "C5'"  . C B 2 2  ? 17.170  13.935  6.114   1.00 0.00 ? 18 C B "C5'"  1 
ATOM 556  C "C4'"  . C B 2 2  ? 15.836  14.456  5.588   1.00 0.00 ? 18 C B "C4'"  1 
ATOM 557  O "O4'"  . C B 2 2  ? 16.047  15.172  4.372   1.00 0.00 ? 18 C B "O4'"  1 
ATOM 558  C "C3'"  . C B 2 2  ? 14.834  13.387  5.203   1.00 0.00 ? 18 C B "C3'"  1 
ATOM 559  O "O3'"  . C B 2 2  ? 14.057  13.099  6.371   1.00 0.00 ? 18 C B "O3'"  1 
ATOM 560  C "C2'"  . C B 2 2  ? 13.923  14.112  4.223   1.00 0.00 ? 18 C B "C2'"  1 
ATOM 561  O "O2'"  . C B 2 2  ? 12.899  14.822  4.923   1.00 0.00 ? 18 C B "O2'"  1 
ATOM 562  C "C1'"  . C B 2 2  ? 14.879  15.092  3.536   1.00 0.00 ? 18 C B "C1'"  1 
ATOM 563  N N1     . C B 2 2  ? 15.270  14.634  2.181   1.00 0.00 ? 18 C B N1     1 
ATOM 564  C C2     . C B 2 2  ? 14.355  14.835  1.155   1.00 0.00 ? 18 C B C2     1 
ATOM 565  O O2     . C B 2 2  ? 13.269  15.364  1.389   1.00 0.00 ? 18 C B O2     1 
ATOM 566  N N3     . C B 2 2  ? 14.679  14.426  -0.101  1.00 0.00 ? 18 C B N3     1 
ATOM 567  C C4     . C B 2 2  ? 15.855  13.839  -0.347  1.00 0.00 ? 18 C B C4     1 
ATOM 568  N N4     . C B 2 2  ? 16.109  13.455  -1.599  1.00 0.00 ? 18 C B N4     1 
ATOM 569  C C5     . C B 2 2  ? 16.805  13.626  0.701   1.00 0.00 ? 18 C B C5     1 
ATOM 570  C C6     . C B 2 2  ? 16.476  14.035  1.941   1.00 0.00 ? 18 C B C6     1 
ATOM 571  H "H5'"  . C B 2 2  ? 17.924  14.714  6.006   1.00 0.00 ? 18 C B "H5'"  1 
ATOM 572  H "H5''" . C B 2 2  ? 17.063  13.687  7.170   1.00 0.00 ? 18 C B "H5''" 1 
ATOM 573  H "H4'"  . C B 2 2  ? 15.407  15.133  6.327   1.00 0.00 ? 18 C B "H4'"  1 
ATOM 574  H "H3'"  . C B 2 2  ? 15.296  12.493  4.785   1.00 0.00 ? 18 C B "H3'"  1 
ATOM 575  H "H2'"  . C B 2 2  ? 13.497  13.417  3.500   1.00 0.00 ? 18 C B "H2'"  1 
ATOM 576  H "HO2'" . C B 2 2  ? 13.158  14.860  5.845   1.00 0.00 ? 18 C B "HO2'" 1 
ATOM 577  H "H1'"  . C B 2 2  ? 14.428  16.082  3.465   1.00 0.00 ? 18 C B "H1'"  1 
ATOM 578  H H41    . C B 2 2  ? 15.394  13.542  -2.309  1.00 0.00 ? 18 C B H41    1 
ATOM 579  H H42    . C B 2 2  ? 17.013  13.075  -1.838  1.00 0.00 ? 18 C B H42    1 
ATOM 580  H H5     . C B 2 2  ? 17.766  13.149  0.510   1.00 0.00 ? 18 C B H5     1 
ATOM 581  H H6     . C B 2 2  ? 17.179  13.881  2.758   1.00 0.00 ? 18 C B H6     1 
ATOM 582  P P      . U B 2 3  ? 13.453  11.626  6.635   1.00 0.00 ? 19 U B P      1 
ATOM 583  O OP1    . U B 2 3  ? 13.464  11.378  8.094   1.00 0.00 ? 19 U B OP1    1 
ATOM 584  O OP2    . U B 2 3  ? 14.119  10.671  5.722   1.00 0.00 ? 19 U B OP2    1 
ATOM 585  O "O5'"  . U B 2 3  ? 11.921  11.784  6.165   1.00 0.00 ? 19 U B "O5'"  1 
ATOM 586  C "C5'"  . U B 2 3  ? 11.125  12.875  6.635   1.00 0.00 ? 19 U B "C5'"  1 
ATOM 587  C "C4'"  . U B 2 3  ? 9.892   13.090  5.761   1.00 0.00 ? 19 U B "C4'"  1 
ATOM 588  O "O4'"  . U B 2 3  ? 10.306  13.397  4.426   1.00 0.00 ? 19 U B "O4'"  1 
ATOM 589  C "C3'"  . U B 2 3  ? 9.005   11.870  5.599   1.00 0.00 ? 19 U B "C3'"  1 
ATOM 590  O "O3'"  . U B 2 3  ? 8.005   11.934  6.619   1.00 0.00 ? 19 U B "O3'"  1 
ATOM 591  C "C2'"  . U B 2 3  ? 8.307   12.125  4.272   1.00 0.00 ? 19 U B "C2'"  1 
ATOM 592  O "O2'"  . U B 2 3  ? 7.174   12.977  4.459   1.00 0.00 ? 19 U B "O2'"  1 
ATOM 593  C "C1'"  . U B 2 3  ? 9.391   12.842  3.465   1.00 0.00 ? 19 U B "C1'"  1 
ATOM 594  N N1     . U B 2 3  ? 10.120  11.918  2.564   1.00 0.00 ? 19 U B N1     1 
ATOM 595  C C2     . U B 2 3  ? 9.472   11.525  1.406   1.00 0.00 ? 19 U B C2     1 
ATOM 596  O O2     . U B 2 3  ? 8.342   11.913  1.114   1.00 0.00 ? 19 U B O2     1 
ATOM 597  N N3     . U B 2 3  ? 10.170  10.669  0.582   1.00 0.00 ? 19 U B N3     1 
ATOM 598  C C4     . U B 2 3  ? 11.440  10.177  0.800   1.00 0.00 ? 19 U B C4     1 
ATOM 599  O O4     . U B 2 3  ? 11.958  9.426   -0.028  1.00 0.00 ? 19 U B O4     1 
ATOM 600  C C5     . U B 2 3  ? 12.055  10.626  2.028   1.00 0.00 ? 19 U B C5     1 
ATOM 601  C C6     . U B 2 3  ? 11.387  11.468  2.858   1.00 0.00 ? 19 U B C6     1 
ATOM 602  H "H5'"  . U B 2 3  ? 11.728  13.784  6.629   1.00 0.00 ? 19 U B "H5'"  1 
ATOM 603  H "H5''" . U B 2 3  ? 10.806  12.669  7.656   1.00 0.00 ? 19 U B "H5''" 1 
ATOM 604  H "H4'"  . U B 2 3  ? 9.322   13.929  6.157   1.00 0.00 ? 19 U B "H4'"  1 
ATOM 605  H "H3'"  . U B 2 3  ? 9.554   10.928  5.626   1.00 0.00 ? 19 U B "H3'"  1 
ATOM 606  H "H2'"  . U B 2 3  ? 8.022   11.189  3.796   1.00 0.00 ? 19 U B "H2'"  1 
ATOM 607  H "HO2'" . U B 2 3  ? 7.025   13.439  3.630   1.00 0.00 ? 19 U B "HO2'" 1 
ATOM 608  H "H1'"  . U B 2 3  ? 8.958   13.651  2.877   1.00 0.00 ? 19 U B "H1'"  1 
ATOM 609  H H3     . U B 2 3  ? 9.705   10.368  -0.253  1.00 0.00 ? 19 U B H3     1 
ATOM 610  H H5     . U B 2 3  ? 13.059  10.289  2.289   1.00 0.00 ? 19 U B H5     1 
ATOM 611  H H6     . U B 2 3  ? 11.867  11.784  3.781   1.00 0.00 ? 19 U B H6     1 
ATOM 612  P P      . G B 2 4  ? 7.123   10.636  6.980   1.00 0.00 ? 20 G B P      1 
ATOM 613  O OP1    . G B 2 4  ? 6.223   10.985  8.103   1.00 0.00 ? 20 G B OP1    1 
ATOM 614  O OP2    . G B 2 4  ? 8.033   9.475   7.097   1.00 0.00 ? 20 G B OP2    1 
ATOM 615  O "O5'"  . G B 2 4  ? 6.224   10.441  5.656   1.00 0.00 ? 20 G B "O5'"  1 
ATOM 616  C "C5'"  . G B 2 4  ? 4.985   11.139  5.512   1.00 0.00 ? 20 G B "C5'"  1 
ATOM 617  C "C4'"  . G B 2 4  ? 4.193   10.643  4.306   1.00 0.00 ? 20 G B "C4'"  1 
ATOM 618  O "O4'"  . G B 2 4  ? 4.913   10.945  3.108   1.00 0.00 ? 20 G B "O4'"  1 
ATOM 619  C "C3'"  . G B 2 4  ? 4.000   9.140   4.238   1.00 0.00 ? 20 G B "C3'"  1 
ATOM 620  O "O3'"  . G B 2 4  ? 2.778   8.835   4.914   1.00 0.00 ? 20 G B "O3'"  1 
ATOM 621  C "C2'"  . G B 2 4  ? 3.764   8.898   2.755   1.00 0.00 ? 20 G B "C2'"  1 
ATOM 622  O "O2'"  . G B 2 4  ? 2.401   9.167   2.415   1.00 0.00 ? 20 G B "O2'"  1 
ATOM 623  C "C1'"  . G B 2 4  ? 4.690   9.930   2.112   1.00 0.00 ? 20 G B "C1'"  1 
ATOM 624  N N9     . G B 2 4  ? 5.988   9.348   1.729   1.00 0.00 ? 20 G B N9     1 
ATOM 625  C C8     . G B 2 4  ? 7.036   8.985   2.537   1.00 0.00 ? 20 G B C8     1 
ATOM 626  N N7     . G B 2 4  ? 8.053   8.494   1.887   1.00 0.00 ? 20 G B N7     1 
ATOM 627  C C5     . G B 2 4  ? 7.653   8.533   0.556   1.00 0.00 ? 20 G B C5     1 
ATOM 628  C C6     . G B 2 4  ? 8.344   8.129   -0.617  1.00 0.00 ? 20 G B C6     1 
ATOM 629  O O6     . G B 2 4  ? 9.472   7.645   -0.715  1.00 0.00 ? 20 G B O6     1 
ATOM 630  N N1     . G B 2 4  ? 7.584   8.339   -1.752  1.00 0.00 ? 20 G B N1     1 
ATOM 631  C C2     . G B 2 4  ? 6.318   8.868   -1.774  1.00 0.00 ? 20 G B C2     1 
ATOM 632  N N2     . G B 2 4  ? 5.739   8.989   -2.971  1.00 0.00 ? 20 G B N2     1 
ATOM 633  N N3     . G B 2 4  ? 5.654   9.252   -0.680  1.00 0.00 ? 20 G B N3     1 
ATOM 634  C C4     . G B 2 4  ? 6.385   9.055   0.447   1.00 0.00 ? 20 G B C4     1 
ATOM 635  H "H5'"  . G B 2 4  ? 5.189   12.202  5.389   1.00 0.00 ? 20 G B "H5'"  1 
ATOM 636  H "H5''" . G B 2 4  ? 4.387   10.994  6.412   1.00 0.00 ? 20 G B "H5''" 1 
ATOM 637  H "H4'"  . G B 2 4  ? 3.230   11.154  4.279   1.00 0.00 ? 20 G B "H4'"  1 
ATOM 638  H "H3'"  . G B 2 4  ? 4.841   8.575   4.641   1.00 0.00 ? 20 G B "H3'"  1 
ATOM 639  H "H2'"  . G B 2 4  ? 4.050   7.886   2.473   1.00 0.00 ? 20 G B "H2'"  1 
ATOM 640  H "HO2'" . G B 2 4  ? 2.395   9.518   1.521   1.00 0.00 ? 20 G B "HO2'" 1 
ATOM 641  H "H1'"  . G B 2 4  ? 4.224   10.381  1.236   1.00 0.00 ? 20 G B "H1'"  1 
ATOM 642  H H8     . G B 2 4  ? 7.015   9.090   3.621   1.00 0.00 ? 20 G B H8     1 
ATOM 643  H H1     . G B 2 4  ? 7.998   8.085   -2.627  1.00 0.00 ? 20 G B H1     1 
ATOM 644  H H21    . G B 2 4  ? 6.215   8.652   -3.802  1.00 0.00 ? 20 G B H21    1 
ATOM 645  H H22    . G B 2 4  ? 4.827   9.417   -3.051  1.00 0.00 ? 20 G B H22    1 
ATOM 646  P P      . U B 2 5  ? 2.275   7.310   5.037   1.00 0.00 ? 21 U B P      1 
ATOM 647  O OP1    . U B 2 5  ? 0.918   7.317   5.628   1.00 0.00 ? 21 U B OP1    1 
ATOM 648  O OP2    . U B 2 5  ? 3.352   6.517   5.670   1.00 0.00 ? 21 U B OP2    1 
ATOM 649  O "O5'"  . U B 2 5  ? 2.151   6.855   3.497   1.00 0.00 ? 21 U B "O5'"  1 
ATOM 650  C "C5'"  . U B 2 5  ? 0.891   6.910   2.827   1.00 0.00 ? 21 U B "C5'"  1 
ATOM 651  C "C4'"  . U B 2 5  ? 1.009   6.497   1.361   1.00 0.00 ? 21 U B "C4'"  1 
ATOM 652  O "O4'"  . U B 2 5  ? 2.190   7.067   0.795   1.00 0.00 ? 21 U B "O4'"  1 
ATOM 653  C "C3'"  . U B 2 5  ? 1.177   5.011   1.129   1.00 0.00 ? 21 U B "C3'"  1 
ATOM 654  O "O3'"  . U B 2 5  ? -0.134  4.466   0.959   1.00 0.00 ? 21 U B "O3'"  1 
ATOM 655  C "C2'"  . U B 2 5  ? 1.869   4.942   -0.226  1.00 0.00 ? 21 U B "C2'"  1 
ATOM 656  O "O2'"  . U B 2 5  ? 0.904   4.943   -1.282  1.00 0.00 ? 21 U B "O2'"  1 
ATOM 657  C "C1'"  . U B 2 5  ? 2.701   6.227   -0.257  1.00 0.00 ? 21 U B "C1'"  1 
ATOM 658  N N1     . U B 2 5  ? 4.146   5.966   -0.008  1.00 0.00 ? 21 U B N1     1 
ATOM 659  C C2     . U B 2 5  ? 5.040   6.110   -1.065  1.00 0.00 ? 21 U B C2     1 
ATOM 660  O O2     . U B 2 5  ? 4.684   6.411   -2.203  1.00 0.00 ? 21 U B O2     1 
ATOM 661  N N3     . U B 2 5  ? 6.366   5.869   -0.772  1.00 0.00 ? 21 U B N3     1 
ATOM 662  C C4     . U B 2 5  ? 6.878   5.499   0.455   1.00 0.00 ? 21 U B C4     1 
ATOM 663  O O4     . U B 2 5  ? 8.086   5.310   0.585   1.00 0.00 ? 21 U B O4     1 
ATOM 664  C C5     . U B 2 5  ? 5.892   5.366   1.502   1.00 0.00 ? 21 U B C5     1 
ATOM 665  C C6     . U B 2 5  ? 4.581   5.600   1.240   1.00 0.00 ? 21 U B C6     1 
ATOM 666  H "H5'"  . U B 2 5  ? 0.505   7.928   2.879   1.00 0.00 ? 21 U B "H5'"  1 
ATOM 667  H "H5''" . U B 2 5  ? 0.193   6.239   3.328   1.00 0.00 ? 21 U B "H5''" 1 
ATOM 668  H "H4'"  . U B 2 5  ? 0.141   6.873   0.819   1.00 0.00 ? 21 U B "H4'"  1 
ATOM 669  H "H3'"  . U B 2 5  ? 1.726   4.507   1.924   1.00 0.00 ? 21 U B "H3'"  1 
ATOM 670  H "H2'"  . U B 2 5  ? 2.514   4.067   -0.284  1.00 0.00 ? 21 U B "H2'"  1 
ATOM 671  H "HO2'" . U B 2 5  ? 1.063   4.160   -1.815  1.00 0.00 ? 21 U B "HO2'" 1 
ATOM 672  H "H1'"  . U B 2 5  ? 2.568   6.745   -1.209  1.00 0.00 ? 21 U B "H1'"  1 
ATOM 673  H H3     . U B 2 5  ? 7.023   5.980   -1.526  1.00 0.00 ? 21 U B H3     1 
ATOM 674  H H5     . U B 2 5  ? 6.202   5.076   2.506   1.00 0.00 ? 21 U B H5     1 
ATOM 675  H H6     . U B 2 5  ? 3.855   5.484   2.040   1.00 0.00 ? 21 U B H6     1 
ATOM 676  P P      . U B 2 6  ? -0.335  2.913   0.589   1.00 0.00 ? 22 U B P      1 
ATOM 677  O OP1    . U B 2 6  ? 0.850   2.167   1.068   1.00 0.00 ? 22 U B OP1    1 
ATOM 678  O OP2    . U B 2 6  ? -0.740  2.824   -0.832  1.00 0.00 ? 22 U B OP2    1 
ATOM 679  O "O5'"  . U B 2 6  ? -1.597  2.491   1.499   1.00 0.00 ? 22 U B "O5'"  1 
ATOM 680  C "C5'"  . U B 2 6  ? -2.600  3.448   1.852   1.00 0.00 ? 22 U B "C5'"  1 
ATOM 681  C "C4'"  . U B 2 6  ? -3.588  2.876   2.864   1.00 0.00 ? 22 U B "C4'"  1 
ATOM 682  O "O4'"  . U B 2 6  ? -4.487  1.992   2.197   1.00 0.00 ? 22 U B "O4'"  1 
ATOM 683  C "C3'"  . U B 2 6  ? -2.960  2.021   3.949   1.00 0.00 ? 22 U B "C3'"  1 
ATOM 684  O "O3'"  . U B 2 6  ? -2.731  2.881   5.069   1.00 0.00 ? 22 U B "O3'"  1 
ATOM 685  C "C2'"  . U B 2 6  ? -4.075  1.065   4.349   1.00 0.00 ? 22 U B "C2'"  1 
ATOM 686  O "O2'"  . U B 2 6  ? -4.887  1.646   5.372   1.00 0.00 ? 22 U B "O2'"  1 
ATOM 687  C "C1'"  . U B 2 6  ? -4.877  0.909   3.056   1.00 0.00 ? 22 U B "C1'"  1 
ATOM 688  N N1     . U B 2 6  ? -4.609  -0.378  2.367   1.00 0.00 ? 22 U B N1     1 
ATOM 689  C C2     . U B 2 6  ? -5.260  -1.502  2.847   1.00 0.00 ? 22 U B C2     1 
ATOM 690  O O2     . U B 2 6  ? -6.001  -1.470  3.827   1.00 0.00 ? 22 U B O2     1 
ATOM 691  N N3     . U B 2 6  ? -5.019  -2.679  2.168   1.00 0.00 ? 22 U B N3     1 
ATOM 692  C C4     . U B 2 6  ? -4.193  -2.834  1.072   1.00 0.00 ? 22 U B C4     1 
ATOM 693  O O4     . U B 2 6  ? -4.059  -3.942  0.555   1.00 0.00 ? 22 U B O4     1 
ATOM 694  C C5     . U B 2 6  ? -3.545  -1.622  0.630   1.00 0.00 ? 22 U B C5     1 
ATOM 695  C C6     . U B 2 6  ? -3.769  -0.451  1.281   1.00 0.00 ? 22 U B C6     1 
ATOM 696  H "H5'"  . U B 2 6  ? -3.143  3.742   0.952   1.00 0.00 ? 22 U B "H5'"  1 
ATOM 697  H "H5''" . U B 2 6  ? -2.121  4.327   2.281   1.00 0.00 ? 22 U B "H5''" 1 
ATOM 698  H "H4'"  . U B 2 6  ? -4.158  3.695   3.304   1.00 0.00 ? 22 U B "H4'"  1 
ATOM 699  H "H3'"  . U B 2 6  ? -2.048  1.516   3.632   1.00 0.00 ? 22 U B "H3'"  1 
ATOM 700  H "H2'"  . U B 2 6  ? -3.670  0.107   4.671   1.00 0.00 ? 22 U B "H2'"  1 
ATOM 701  H "HO2'" . U B 2 6  ? -5.269  0.927   5.878   1.00 0.00 ? 22 U B "HO2'" 1 
ATOM 702  H "H1'"  . U B 2 6  ? -5.942  0.988   3.262   1.00 0.00 ? 22 U B "H1'"  1 
ATOM 703  H H3     . U B 2 6  ? -5.500  -3.501  2.497   1.00 0.00 ? 22 U B H3     1 
ATOM 704  H H5     . U B 2 6  ? -2.873  -1.646  -0.229  1.00 0.00 ? 22 U B H5     1 
ATOM 705  H H6     . U B 2 6  ? -3.266  0.449   0.930   1.00 0.00 ? 22 U B H6     1 
ATOM 706  P P      . C B 2 7  ? -1.234  3.215   5.553   1.00 0.00 ? 23 C B P      1 
ATOM 707  O OP1    . C B 2 7  ? -1.259  4.501   6.283   1.00 0.00 ? 23 C B OP1    1 
ATOM 708  O OP2    . C B 2 7  ? -0.323  3.037   4.401   1.00 0.00 ? 23 C B OP2    1 
ATOM 709  O "O5'"  . C B 2 7  ? -0.944  2.039   6.612   1.00 0.00 ? 23 C B "O5'"  1 
ATOM 710  C "C5'"  . C B 2 7  ? -1.869  1.767   7.668   1.00 0.00 ? 23 C B "C5'"  1 
ATOM 711  C "C4'"  . C B 2 7  ? -1.579  0.428   8.344   1.00 0.00 ? 23 C B "C4'"  1 
ATOM 712  O "O4'"  . C B 2 7  ? -2.162  -0.626  7.577   1.00 0.00 ? 23 C B "O4'"  1 
ATOM 713  C "C3'"  . C B 2 7  ? -0.112  0.053   8.423   1.00 0.00 ? 23 C B "C3'"  1 
ATOM 714  O "O3'"  . C B 2 7  ? 0.370   0.516   9.689   1.00 0.00 ? 23 C B "O3'"  1 
ATOM 715  C "C2'"  . C B 2 7  ? -0.130  -1.467  8.489   1.00 0.00 ? 23 C B "C2'"  1 
ATOM 716  O "O2'"  . C B 2 7  ? -0.240  -1.910  9.844   1.00 0.00 ? 23 C B "O2'"  1 
ATOM 717  C "C1'"  . C B 2 7  ? -1.391  -1.832  7.702   1.00 0.00 ? 23 C B "C1'"  1 
ATOM 718  N N1     . C B 2 7  ? -1.066  -2.359  6.357   1.00 0.00 ? 23 C B N1     1 
ATOM 719  C C2     . C B 2 7  ? -0.626  -3.675  6.282   1.00 0.00 ? 23 C B C2     1 
ATOM 720  O O2     . C B 2 7  ? -0.532  -4.355  7.302   1.00 0.00 ? 23 C B O2     1 
ATOM 721  N N3     . C B 2 7  ? -0.314  -4.191  5.064   1.00 0.00 ? 23 C B N3     1 
ATOM 722  C C4     . C B 2 7  ? -0.427  -3.450  3.957   1.00 0.00 ? 23 C B C4     1 
ATOM 723  N N4     . C B 2 7  ? -0.138  -4.025  2.790   1.00 0.00 ? 23 C B N4     1 
ATOM 724  C C5     . C B 2 7  ? -0.873  -2.093  4.025   1.00 0.00 ? 23 C B C5     1 
ATOM 725  C C6     . C B 2 7  ? -1.183  -1.589  5.233   1.00 0.00 ? 23 C B C6     1 
ATOM 726  H "H5'"  . C B 2 7  ? -2.879  1.746   7.259   1.00 0.00 ? 23 C B "H5'"  1 
ATOM 727  H "H5''" . C B 2 7  ? -1.804  2.563   8.411   1.00 0.00 ? 23 C B "H5''" 1 
ATOM 728  H "H4'"  . C B 2 7  ? -2.027  0.429   9.338   1.00 0.00 ? 23 C B "H4'"  1 
ATOM 729  H "H3'"  . C B 2 7  ? 0.480   0.440   7.597   1.00 0.00 ? 23 C B "H3'"  1 
ATOM 730  H "H2'"  . C B 2 7  ? 0.755   -1.885  8.006   1.00 0.00 ? 23 C B "H2'"  1 
ATOM 731  H "HO2'" . C B 2 7  ? -0.747  -1.248  10.320  1.00 0.00 ? 23 C B "HO2'" 1 
ATOM 732  H "H1'"  . C B 2 7  ? -1.979  -2.571  8.244   1.00 0.00 ? 23 C B "H1'"  1 
ATOM 733  H H41    . C B 2 7  ? 0.079   -5.013  2.753   1.00 0.00 ? 23 C B H41    1 
ATOM 734  H H42    . C B 2 7  ? -0.154  -3.480  1.940   1.00 0.00 ? 23 C B H42    1 
ATOM 735  H H5     . C B 2 7  ? -0.947  -1.475  3.135   1.00 0.00 ? 23 C B H5     1 
ATOM 736  H H6     . C B 2 7  ? -1.538  -0.561  5.310   1.00 0.00 ? 23 C B H6     1 
ATOM 737  P P      . C B 2 8  ? 1.086   1.952   9.827   1.00 0.00 ? 24 C B P      1 
ATOM 738  O OP1    . C B 2 8  ? 0.299   2.772   10.775  1.00 0.00 ? 24 C B OP1    1 
ATOM 739  O OP2    . C B 2 8  ? 1.373   2.467   8.469   1.00 0.00 ? 24 C B OP2    1 
ATOM 740  O "O5'"  . C B 2 8  ? 2.486   1.576   10.529  1.00 0.00 ? 24 C B "O5'"  1 
ATOM 741  C "C5'"  . C B 2 8  ? 3.556   0.998   9.772   1.00 0.00 ? 24 C B "C5'"  1 
ATOM 742  C "C4'"  . C B 2 8  ? 3.635   -0.514  9.973   1.00 0.00 ? 24 C B "C4'"  1 
ATOM 743  O "O4'"  . C B 2 8  ? 2.755   -1.157  9.053   1.00 0.00 ? 24 C B "O4'"  1 
ATOM 744  C "C3'"  . C B 2 8  ? 4.990   -1.121  9.674   1.00 0.00 ? 24 C B "C3'"  1 
ATOM 745  O "O3'"  . C B 2 8  ? 5.698   -1.174  10.915  1.00 0.00 ? 24 C B "O3'"  1 
ATOM 746  C "C2'"  . C B 2 8  ? 4.667   -2.557  9.281   1.00 0.00 ? 24 C B "C2'"  1 
ATOM 747  O "O2'"  . C B 2 8  ? 4.611   -3.390  10.442  1.00 0.00 ? 24 C B "O2'"  1 
ATOM 748  C "C1'"  . C B 2 8  ? 3.273   -2.436  8.643   1.00 0.00 ? 24 C B "C1'"  1 
ATOM 749  N N1     . C B 2 8  ? 3.306   -2.504  7.159   1.00 0.00 ? 24 C B N1     1 
ATOM 750  C C2     . C B 2 8  ? 3.826   -3.655  6.583   1.00 0.00 ? 24 C B C2     1 
ATOM 751  O O2     . C B 2 8  ? 4.241   -4.571  7.290   1.00 0.00 ? 24 C B O2     1 
ATOM 752  N N3     . C B 2 8  ? 3.838   -3.758  5.225   1.00 0.00 ? 24 C B N3     1 
ATOM 753  C C4     . C B 2 8  ? 3.354   -2.773  4.459   1.00 0.00 ? 24 C B C4     1 
ATOM 754  N N4     . C B 2 8  ? 3.368   -2.943  3.137   1.00 0.00 ? 24 C B N4     1 
ATOM 755  C C5     . C B 2 8  ? 2.818   -1.587  5.044   1.00 0.00 ? 24 C B C5     1 
ATOM 756  C C6     . C B 2 8  ? 2.814   -1.491  6.382   1.00 0.00 ? 24 C B C6     1 
ATOM 757  H "H5'"  . C B 2 8  ? 4.497   1.447   10.088  1.00 0.00 ? 24 C B "H5'"  1 
ATOM 758  H "H5''" . C B 2 8  ? 3.401   1.208   8.713   1.00 0.00 ? 24 C B "H5''" 1 
ATOM 759  H "H4'"  . C B 2 8  ? 3.324   -0.752  10.989  1.00 0.00 ? 24 C B "H4'"  1 
ATOM 760  H "H3'"  . C B 2 8  ? 5.548   -0.579  8.909   1.00 0.00 ? 24 C B "H3'"  1 
ATOM 761  H "H2'"  . C B 2 8  ? 5.396   -2.932  8.566   1.00 0.00 ? 24 C B "H2'"  1 
ATOM 762  H "HO2'" . C B 2 8  ? 5.343   -4.007  10.385  1.00 0.00 ? 24 C B "HO2'" 1 
ATOM 763  H "H1'"  . C B 2 8  ? 2.611   -3.218  9.011   1.00 0.00 ? 24 C B "H1'"  1 
ATOM 764  H H41    . C B 2 8  ? 3.658   -3.828  2.742   1.00 0.00 ? 24 C B H41    1 
ATOM 765  H H42    . C B 2 8  ? 3.072   -2.192  2.529   1.00 0.00 ? 24 C B H42    1 
ATOM 766  H H5     . C B 2 8  ? 2.409   -0.783  4.435   1.00 0.00 ? 24 C B H5     1 
ATOM 767  H H6     . C B 2 8  ? 2.410   -0.600  6.844   1.00 0.00 ? 24 C B H6     1 
ATOM 768  P P      . C B 2 9  ? 7.240   -1.630  10.960  1.00 0.00 ? 25 C B P      1 
ATOM 769  O OP1    . C B 2 9  ? 7.306   -2.990  11.540  1.00 0.00 ? 25 C B OP1    1 
ATOM 770  O OP2    . C B 2 9  ? 8.033   -0.533  11.560  1.00 0.00 ? 25 C B OP2    1 
ATOM 771  O "O5'"  . C B 2 9  ? 7.617   -1.729  9.398   1.00 0.00 ? 25 C B "O5'"  1 
ATOM 772  C "C5'"  . C B 2 9  ? 8.920   -1.366  8.923   1.00 0.00 ? 25 C B "C5'"  1 
ATOM 773  C "C4'"  . C B 2 9  ? 9.592   -2.545  8.212   1.00 0.00 ? 25 C B "C4'"  1 
ATOM 774  O "O4'"  . C B 2 9  ? 8.577   -3.380  7.641   1.00 0.00 ? 25 C B "O4'"  1 
ATOM 775  C "C3'"  . C B 2 9  ? 10.476  -2.177  7.028   1.00 0.00 ? 25 C B "C3'"  1 
ATOM 776  O "O3'"  . C B 2 9  ? 11.816  -2.059  7.515   1.00 0.00 ? 25 C B "O3'"  1 
ATOM 777  C "C2'"  . C B 2 9  ? 10.423  -3.426  6.169   1.00 0.00 ? 25 C B "C2'"  1 
ATOM 778  O "O2'"  . C B 2 9  ? 11.316  -4.421  6.672   1.00 0.00 ? 25 C B "O2'"  1 
ATOM 779  C "C1'"  . C B 2 9  ? 8.971   -3.866  6.347   1.00 0.00 ? 25 C B "C1'"  1 
ATOM 780  N N1     . C B 2 9  ? 8.074   -3.291  5.312   1.00 0.00 ? 25 C B N1     1 
ATOM 781  C C2     . C B 2 9  ? 8.301   -3.662  3.993   1.00 0.00 ? 25 C B C2     1 
ATOM 782  O O2     . C B 2 9  ? 9.197   -4.457  3.718   1.00 0.00 ? 25 C B O2     1 
ATOM 783  N N3     . C B 2 9  ? 7.496   -3.153  3.022   1.00 0.00 ? 25 C B N3     1 
ATOM 784  C C4     . C B 2 9  ? 6.496   -2.315  3.327   1.00 0.00 ? 25 C B C4     1 
ATOM 785  N N4     . C B 2 9  ? 5.713   -1.887  2.335   1.00 0.00 ? 25 C B N4     1 
ATOM 786  C C5     . C B 2 9  ? 6.255   -1.923  4.678   1.00 0.00 ? 25 C B C5     1 
ATOM 787  C C6     . C B 2 9  ? 7.058   -2.429  5.632   1.00 0.00 ? 25 C B C6     1 
ATOM 788  H "H5'"  . C B 2 9  ? 9.541   -1.053  9.765   1.00 0.00 ? 25 C B "H5'"  1 
ATOM 789  H "H5''" . C B 2 9  ? 8.819   -0.531  8.230   1.00 0.00 ? 25 C B "H5''" 1 
ATOM 790  H "H4'"  . C B 2 9  ? 10.157  -3.126  8.942   1.00 0.00 ? 25 C B "H4'"  1 
ATOM 791  H "H3'"  . C B 2 9  ? 10.155  -1.278  6.501   1.00 0.00 ? 25 C B "H3'"  1 
ATOM 792  H "H2'"  . C B 2 9  ? 10.637  -3.194  5.131   1.00 0.00 ? 25 C B "H2'"  1 
ATOM 793  H "HO2'" . C B 2 9  ? 11.073  -4.586  7.587   1.00 0.00 ? 25 C B "HO2'" 1 
ATOM 794  H "H1'"  . C B 2 9  ? 8.890   -4.953  6.330   1.00 0.00 ? 25 C B "H1'"  1 
ATOM 795  H H41    . C B 2 9  ? 5.826   -2.261  1.401   1.00 0.00 ? 25 C B H41    1 
ATOM 796  H H42    . C B 2 9  ? 4.986   -1.211  2.522   1.00 0.00 ? 25 C B H42    1 
ATOM 797  H H5     . C B 2 9  ? 5.453   -1.233  4.941   1.00 0.00 ? 25 C B H5     1 
ATOM 798  H H6     . C B 2 9  ? 6.883   -2.154  6.667   1.00 0.00 ? 25 C B H6     1 
ATOM 799  P P      . A B 2 10 ? 13.035  -1.805  6.494   1.00 0.00 ? 26 A B P      1 
ATOM 800  O OP1    . A B 2 10 ? 13.191  -3.012  5.651   1.00 0.00 ? 26 A B OP1    1 
ATOM 801  O OP2    . A B 2 10 ? 14.187  -1.290  7.266   1.00 0.00 ? 26 A B OP2    1 
ATOM 802  O "O5'"  . A B 2 10 ? 12.475  -0.611  5.568   1.00 0.00 ? 26 A B "O5'"  1 
ATOM 803  C "C5'"  . A B 2 10 ? 13.133  -0.262  4.345   1.00 0.00 ? 26 A B "C5'"  1 
ATOM 804  C "C4'"  . A B 2 10 ? 13.060  -1.398  3.324   1.00 0.00 ? 26 A B "C4'"  1 
ATOM 805  O "O4'"  . A B 2 10 ? 11.797  -2.059  3.451   1.00 0.00 ? 26 A B "O4'"  1 
ATOM 806  C "C3'"  . A B 2 10 ? 13.106  -0.968  1.868   1.00 0.00 ? 26 A B "C3'"  1 
ATOM 807  O "O3'"  . A B 2 10 ? 14.475  -1.012  1.456   1.00 0.00 ? 26 A B "O3'"  1 
ATOM 808  C "C2'"  . A B 2 10 ? 12.385  -2.103  1.159   1.00 0.00 ? 26 A B "C2'"  1 
ATOM 809  O "O2'"  . A B 2 10 ? 13.265  -3.213  0.962   1.00 0.00 ? 26 A B "O2'"  1 
ATOM 810  C "C1'"  . A B 2 10 ? 11.291  -2.455  2.166   1.00 0.00 ? 26 A B "C1'"  1 
ATOM 811  N N9     . A B 2 10 ? 10.036  -1.726  1.909   1.00 0.00 ? 26 A B N9     1 
ATOM 812  C C8     . A B 2 10 ? 9.319   -0.921  2.756   1.00 0.00 ? 26 A B C8     1 
ATOM 813  N N7     . A B 2 10 ? 8.236   -0.429  2.218   1.00 0.00 ? 26 A B N7     1 
ATOM 814  C C5     . A B 2 10 ? 8.243   -0.948  0.927   1.00 0.00 ? 26 A B C5     1 
ATOM 815  C C6     . A B 2 10 ? 7.366   -0.808  -0.160  1.00 0.00 ? 26 A B C6     1 
ATOM 816  N N6     . A B 2 10 ? 6.254   -0.073  -0.121  1.00 0.00 ? 26 A B N6     1 
ATOM 817  N N1     . A B 2 10 ? 7.670   -1.458  -1.295  1.00 0.00 ? 26 A B N1     1 
ATOM 818  C C2     . A B 2 10 ? 8.773   -2.195  -1.340  1.00 0.00 ? 26 A B C2     1 
ATOM 819  N N3     . A B 2 10 ? 9.673   -2.405  -0.395  1.00 0.00 ? 26 A B N3     1 
ATOM 820  C C4     . A B 2 10 ? 9.337   -1.739  0.729   1.00 0.00 ? 26 A B C4     1 
ATOM 821  H "H5'"  . A B 2 10 ? 14.178  -0.037  4.556   1.00 0.00 ? 26 A B "H5'"  1 
ATOM 822  H "H5''" . A B 2 10 ? 12.655  0.626   3.930   1.00 0.00 ? 26 A B "H5''" 1 
ATOM 823  H "H4'"  . A B 2 10 ? 13.855  -2.114  3.535   1.00 0.00 ? 26 A B "H4'"  1 
ATOM 824  H "H3'"  . A B 2 10 ? 12.656  0.008   1.690   1.00 0.00 ? 26 A B "H3'"  1 
ATOM 825  H "H2'"  . A B 2 10 ? 11.957  -1.765  0.215   1.00 0.00 ? 26 A B "H2'"  1 
ATOM 826  H "HO2'" . A B 2 10 ? 14.010  -3.094  1.555   1.00 0.00 ? 26 A B "HO2'" 1 
ATOM 827  H "H1'"  . A B 2 10 ? 11.086  -3.527  2.170   1.00 0.00 ? 26 A B "H1'"  1 
ATOM 828  H H8     . A B 2 10 ? 9.624   -0.711  3.781   1.00 0.00 ? 26 A B H8     1 
ATOM 829  H H61    . A B 2 10 ? 5.621   -0.074  -0.908  1.00 0.00 ? 26 A B H61    1 
ATOM 830  H H62    . A B 2 10 ? 6.044   0.481   0.697   1.00 0.00 ? 26 A B H62    1 
ATOM 831  H H2     . A B 2 10 ? 8.969   -2.692  -2.289  1.00 0.00 ? 26 A B H2     1 
ATOM 832  P P      . G B 2 11 ? 15.156  0.263   0.745   1.00 0.00 ? 27 G B P      1 
ATOM 833  O OP1    . G B 2 11 ? 16.612  0.015   0.646   1.00 0.00 ? 27 G B OP1    1 
ATOM 834  O OP2    . G B 2 11 ? 14.660  1.486   1.413   1.00 0.00 ? 27 G B OP2    1 
ATOM 835  O "O5'"  . G B 2 11 ? 14.534  0.213   -0.741  1.00 0.00 ? 27 G B "O5'"  1 
ATOM 836  C "C5'"  . G B 2 11 ? 15.115  -0.623  -1.747  1.00 0.00 ? 27 G B "C5'"  1 
ATOM 837  C "C4'"  . G B 2 11 ? 14.055  -1.167  -2.704  1.00 0.00 ? 27 G B "C4'"  1 
ATOM 838  O "O4'"  . G B 2 11 ? 12.830  -1.351  -1.995  1.00 0.00 ? 27 G B "O4'"  1 
ATOM 839  C "C3'"  . G B 2 11 ? 13.679  -0.232  -3.837  1.00 0.00 ? 27 G B "C3'"  1 
ATOM 840  O "O3'"  . G B 2 11 ? 14.527  -0.551  -4.944  1.00 0.00 ? 27 G B "O3'"  1 
ATOM 841  C "C2'"  . G B 2 11 ? 12.275  -0.688  -4.207  1.00 0.00 ? 27 G B "C2'"  1 
ATOM 842  O "O2'"  . G B 2 11 ? 12.331  -1.797  -5.108  1.00 0.00 ? 27 G B "O2'"  1 
ATOM 843  C "C1'"  . G B 2 11 ? 11.703  -1.128  -2.859  1.00 0.00 ? 27 G B "C1'"  1 
ATOM 844  N N9     . G B 2 11 ? 10.828  -0.111  -2.241  1.00 0.00 ? 27 G B N9     1 
ATOM 845  C C8     . G B 2 11 ? 10.996  0.550   -1.052  1.00 0.00 ? 27 G B C8     1 
ATOM 846  N N7     . G B 2 11 ? 9.995   1.309   -0.720  1.00 0.00 ? 27 G B N7     1 
ATOM 847  C C5     . G B 2 11 ? 9.100   1.154   -1.764  1.00 0.00 ? 27 G B C5     1 
ATOM 848  C C6     . G B 2 11 ? 7.825   1.739   -1.957  1.00 0.00 ? 27 G B C6     1 
ATOM 849  O O6     . G B 2 11 ? 7.188   2.478   -1.201  1.00 0.00 ? 27 G B O6     1 
ATOM 850  N N1     . G B 2 11 ? 7.262   1.329   -3.143  1.00 0.00 ? 27 G B N1     1 
ATOM 851  C C2     . G B 2 11 ? 7.821   0.459   -4.037  1.00 0.00 ? 27 G B C2     1 
ATOM 852  N N2     . G B 2 11 ? 7.101   0.192   -5.127  1.00 0.00 ? 27 G B N2     1 
ATOM 853  N N3     . G B 2 11 ? 9.017   -0.111  -3.872  1.00 0.00 ? 27 G B N3     1 
ATOM 854  C C4     . G B 2 11 ? 9.599   0.287   -2.711  1.00 0.00 ? 27 G B C4     1 
ATOM 855  H "H5'"  . G B 2 11 ? 15.627  -1.457  -1.263  1.00 0.00 ? 27 G B "H5'"  1 
ATOM 856  H "H5''" . G B 2 11 ? 15.842  -0.041  -2.314  1.00 0.00 ? 27 G B "H5''" 1 
ATOM 857  H "H4'"  . G B 2 11 ? 14.387  -2.129  -3.097  1.00 0.00 ? 27 G B "H4'"  1 
ATOM 858  H "H3'"  . G B 2 11 ? 13.737  0.821   -3.567  1.00 0.00 ? 27 G B "H3'"  1 
ATOM 859  H "H2'"  . G B 2 11 ? 11.694  0.126   -4.625  1.00 0.00 ? 27 G B "H2'"  1 
ATOM 860  H "HO2'" . G B 2 11 ? 11.836  -2.516  -4.707  1.00 0.00 ? 27 G B "HO2'" 1 
ATOM 861  H "H1'"  . G B 2 11 ? 11.148  -2.054  -2.968  1.00 0.00 ? 27 G B "H1'"  1 
ATOM 862  H H8     . G B 2 11 ? 11.896  0.479   -0.462  1.00 0.00 ? 27 G B H8     1 
ATOM 863  H H1     . G B 2 11 ? 6.389   1.731   -3.380  1.00 0.00 ? 27 G B H1     1 
ATOM 864  H H21    . G B 2 11 ? 6.207   0.657   -5.267  1.00 0.00 ? 27 G B H21    1 
ATOM 865  H H22    . G B 2 11 ? 7.441   -0.469  -5.811  1.00 0.00 ? 27 G B H22    1 
ATOM 866  P P      . A B 2 12 ? 15.294  0.611   -5.754  1.00 0.00 ? 28 A B P      1 
ATOM 867  O OP1    . A B 2 12 ? 16.302  -0.023  -6.632  1.00 0.00 ? 28 A B OP1    1 
ATOM 868  O OP2    . A B 2 12 ? 15.707  1.653   -4.787  1.00 0.00 ? 28 A B OP2    1 
ATOM 869  O "O5'"  . A B 2 12 ? 14.128  1.222   -6.682  1.00 0.00 ? 28 A B "O5'"  1 
ATOM 870  C "C5'"  . A B 2 12 ? 13.332  0.368   -7.509  1.00 0.00 ? 28 A B "C5'"  1 
ATOM 871  C "C4'"  . A B 2 12 ? 12.002  1.021   -7.883  1.00 0.00 ? 28 A B "C4'"  1 
ATOM 872  O "O4'"  . A B 2 12 ? 11.083  0.880   -6.792  1.00 0.00 ? 28 A B "O4'"  1 
ATOM 873  C "C3'"  . A B 2 12 ? 12.067  2.519   -8.124  1.00 0.00 ? 28 A B "C3'"  1 
ATOM 874  O "O3'"  . A B 2 12 ? 12.248  2.718   -9.529  1.00 0.00 ? 28 A B "O3'"  1 
ATOM 875  C "C2'"  . A B 2 12 ? 10.661  2.981   -7.789  1.00 0.00 ? 28 A B "C2'"  1 
ATOM 876  O "O2'"  . A B 2 12 ? 9.781   2.762   -8.895  1.00 0.00 ? 28 A B "O2'"  1 
ATOM 877  C "C1'"  . A B 2 12 ? 10.295  2.072   -6.626  1.00 0.00 ? 28 A B "C1'"  1 
ATOM 878  N N9     . A B 2 12 ? 10.612  2.673   -5.317  1.00 0.00 ? 28 A B N9     1 
ATOM 879  C C8     . A B 2 12 ? 11.816  2.727   -4.668  1.00 0.00 ? 28 A B C8     1 
ATOM 880  N N7     . A B 2 12 ? 11.762  3.320   -3.507  1.00 0.00 ? 28 A B N7     1 
ATOM 881  C C5     . A B 2 12 ? 10.425  3.680   -3.385  1.00 0.00 ? 28 A B C5     1 
ATOM 882  C C6     . A B 2 12 ? 9.708   4.343   -2.377  1.00 0.00 ? 28 A B C6     1 
ATOM 883  N N6     . A B 2 12 ? 10.255  4.780   -1.243  1.00 0.00 ? 28 A B N6     1 
ATOM 884  N N1     . A B 2 12 ? 8.397   4.539   -2.575  1.00 0.00 ? 28 A B N1     1 
ATOM 885  C C2     . A B 2 12 ? 7.836   4.107   -3.695  1.00 0.00 ? 28 A B C2     1 
ATOM 886  N N3     . A B 2 12 ? 8.396   3.474   -4.714  1.00 0.00 ? 28 A B N3     1 
ATOM 887  C C4     . A B 2 12 ? 9.715   3.292   -4.484  1.00 0.00 ? 28 A B C4     1 
ATOM 888  H "H5'"  . A B 2 12 ? 13.134  -0.561  -6.974  1.00 0.00 ? 28 A B "H5'"  1 
ATOM 889  H "H5''" . A B 2 12 ? 13.885  0.141   -8.420  1.00 0.00 ? 28 A B "H5''" 1 
ATOM 890  H "H4'"  . A B 2 12 ? 11.594  0.512   -8.756  1.00 0.00 ? 28 A B "H4'"  1 
ATOM 891  H "H3'"  . A B 2 12 ? 12.837  3.023   -7.540  1.00 0.00 ? 28 A B "H3'"  1 
ATOM 892  H "H2'"  . A B 2 12 ? 10.655  4.019   -7.480  1.00 0.00 ? 28 A B "H2'"  1 
ATOM 893  H "HO2'" . A B 2 12 ? 9.087   3.422   -8.842  1.00 0.00 ? 28 A B "HO2'" 1 
ATOM 894  H "H1'"  . A B 2 12 ? 9.240   1.819   -6.651  1.00 0.00 ? 28 A B "H1'"  1 
ATOM 895  H H8     . A B 2 12 ? 12.727  2.294   -5.074  1.00 0.00 ? 28 A B H8     1 
ATOM 896  H H61    . A B 2 12 ? 9.670   5.179   -0.521  1.00 0.00 ? 28 A B H61    1 
ATOM 897  H H62    . A B 2 12 ? 11.252  4.710   -1.104  1.00 0.00 ? 28 A B H62    1 
ATOM 898  H H2     . A B 2 12 ? 6.767   4.293   -3.787  1.00 0.00 ? 28 A B H2     1 
ATOM 899  P P      . C B 2 13 ? 12.467  4.199   -10.121 1.00 0.00 ? 29 C B P      1 
ATOM 900  O OP1    . C B 2 13 ? 12.497  4.107   -11.598 1.00 0.00 ? 29 C B OP1    1 
ATOM 901  O OP2    . C B 2 13 ? 13.597  4.824   -9.399  1.00 0.00 ? 29 C B OP2    1 
ATOM 902  O "O5'"  . C B 2 13 ? 11.112  4.955   -9.690  1.00 0.00 ? 29 C B "O5'"  1 
ATOM 903  C "C5'"  . C B 2 13 ? 10.041  5.109   -10.624 1.00 0.00 ? 29 C B "C5'"  1 
ATOM 904  C "C4'"  . C B 2 13 ? 9.046   6.174   -10.172 1.00 0.00 ? 29 C B "C4'"  1 
ATOM 905  O "O4'"  . C B 2 13 ? 8.567   5.855   -8.867  1.00 0.00 ? 29 C B "O4'"  1 
ATOM 906  C "C3'"  . C B 2 13 ? 9.628   7.564   -10.011 1.00 0.00 ? 29 C B "C3'"  1 
ATOM 907  O "O3'"  . C B 2 13 ? 9.461   8.235   -11.263 1.00 0.00 ? 29 C B "O3'"  1 
ATOM 908  C "C2'"  . C B 2 13 ? 8.680   8.226   -9.019  1.00 0.00 ? 29 C B "C2'"  1 
ATOM 909  O "O2'"  . C B 2 13 ? 7.556   8.786   -9.699  1.00 0.00 ? 29 C B "O2'"  1 
ATOM 910  C "C1'"  . C B 2 13 ? 8.241   7.051   -8.137  1.00 0.00 ? 29 C B "C1'"  1 
ATOM 911  N N1     . C B 2 13 ? 8.962   7.017   -6.838  1.00 0.00 ? 29 C B N1     1 
ATOM 912  C C2     . C B 2 13 ? 8.293   7.441   -5.689  1.00 0.00 ? 29 C B C2     1 
ATOM 913  O O2     . C B 2 13 ? 7.144   7.877   -5.752  1.00 0.00 ? 29 C B O2     1 
ATOM 914  N N3     . C B 2 13 ? 8.942   7.370   -4.498  1.00 0.00 ? 29 C B N3     1 
ATOM 915  C C4     . C B 2 13 ? 10.191  6.906   -4.420  1.00 0.00 ? 29 C B C4     1 
ATOM 916  N N4     . C B 2 13 ? 10.763  6.861   -3.214  1.00 0.00 ? 29 C B N4     1 
ATOM 917  C C5     . C B 2 13 ? 10.886  6.473   -5.590  1.00 0.00 ? 29 C B C5     1 
ATOM 918  C C6     . C B 2 13 ? 10.242  6.548   -6.768  1.00 0.00 ? 29 C B C6     1 
ATOM 919  H "H5'"  . C B 2 13 ? 9.519   4.157   -10.727 1.00 0.00 ? 29 C B "H5'"  1 
ATOM 920  H "H5''" . C B 2 13 ? 10.453  5.395   -11.592 1.00 0.00 ? 29 C B "H5''" 1 
ATOM 921  H "H4'"  . C B 2 13 ? 8.205   6.188   -10.865 1.00 0.00 ? 29 C B "H4'"  1 
ATOM 922  H "H3'"  . C B 2 13 ? 10.668  7.564   -9.685  1.00 0.00 ? 29 C B "H3'"  1 
ATOM 923  H "H2'"  . C B 2 13 ? 9.199   8.981   -8.431  1.00 0.00 ? 29 C B "H2'"  1 
ATOM 924  H "HO2'" . C B 2 13 ? 7.273   9.555   -9.199  1.00 0.00 ? 29 C B "HO2'" 1 
ATOM 925  H "H1'"  . C B 2 13 ? 7.164   7.078   -7.969  1.00 0.00 ? 29 C B "H1'"  1 
ATOM 926  H H41    . C B 2 13 ? 10.242  7.155   -2.395  1.00 0.00 ? 29 C B H41    1 
ATOM 927  H H42    . C B 2 13 ? 11.714  6.535   -3.117  1.00 0.00 ? 29 C B H42    1 
ATOM 928  H H5     . C B 2 13 ? 11.896  6.078   -5.540  1.00 0.00 ? 29 C B H5     1 
ATOM 929  H H6     . C B 2 13 ? 10.760  6.252   -7.679  1.00 0.00 ? 29 C B H6     1 
ATOM 930  P P      . A B 2 14 ? 10.070  9.708   -11.487 1.00 0.00 ? 30 A B P      1 
ATOM 931  O OP1    . A B 2 14 ? 9.594   10.212  -12.795 1.00 0.00 ? 30 A B OP1    1 
ATOM 932  O OP2    . A B 2 14 ? 11.520  9.660   -11.198 1.00 0.00 ? 30 A B OP2    1 
ATOM 933  O "O5'"  . A B 2 14 ? 9.351   10.563  -10.328 1.00 0.00 ? 30 A B "O5'"  1 
ATOM 934  C "C5'"  . A B 2 14 ? 8.199   11.357  -10.619 1.00 0.00 ? 30 A B "C5'"  1 
ATOM 935  C "C4'"  . A B 2 14 ? 7.714   12.112  -9.387  1.00 0.00 ? 30 A B "C4'"  1 
ATOM 936  O "O4'"  . A B 2 14 ? 7.682   11.224  -8.269  1.00 0.00 ? 30 A B "O4'"  1 
ATOM 937  C "C3'"  . A B 2 14 ? 8.625   13.232  -8.933  1.00 0.00 ? 30 A B "C3'"  1 
ATOM 938  O "O3'"  . A B 2 14 ? 8.169   14.432  -9.562  1.00 0.00 ? 30 A B "O3'"  1 
ATOM 939  C "C2'"  . A B 2 14 ? 8.312   13.367  -7.449  1.00 0.00 ? 30 A B "C2'"  1 
ATOM 940  O "O2'"  . A B 2 14 ? 7.197   14.239  -7.252  1.00 0.00 ? 30 A B "O2'"  1 
ATOM 941  C "C1'"  . A B 2 14 ? 7.947   11.935  -7.048  1.00 0.00 ? 30 A B "C1'"  1 
ATOM 942  N N9     . A B 2 14 ? 9.043   11.262  -6.325  1.00 0.00 ? 30 A B N9     1 
ATOM 943  C C8     . A B 2 14 ? 10.236  10.794  -6.812  1.00 0.00 ? 30 A B C8     1 
ATOM 944  N N7     . A B 2 14 ? 11.004  10.265  -5.898  1.00 0.00 ? 30 A B N7     1 
ATOM 945  C C5     . A B 2 14 ? 10.265  10.392  -4.729  1.00 0.00 ? 30 A B C5     1 
ATOM 946  C C6     . A B 2 14 ? 10.516  10.027  -3.396  1.00 0.00 ? 30 A B C6     1 
ATOM 947  N N6     . A B 2 14 ? 11.641  9.440   -2.982  1.00 0.00 ? 30 A B N6     1 
ATOM 948  N N1     . A B 2 14 ? 9.569   10.298  -2.488  1.00 0.00 ? 30 A B N1     1 
ATOM 949  C C2     . A B 2 14 ? 8.450   10.893  -2.874  1.00 0.00 ? 30 A B C2     1 
ATOM 950  N N3     . A B 2 14 ? 8.092   11.286  -4.086  1.00 0.00 ? 30 A B N3     1 
ATOM 951  C C4     . A B 2 14 ? 9.066   10.998  -4.977  1.00 0.00 ? 30 A B C4     1 
ATOM 952  H "H5'"  . A B 2 14 ? 7.400   10.708  -10.978 1.00 0.00 ? 30 A B "H5'"  1 
ATOM 953  H "H5''" . A B 2 14 ? 8.451   12.076  -11.400 1.00 0.00 ? 30 A B "H5''" 1 
ATOM 954  H "H4'"  . A B 2 14 ? 6.707   12.486  -9.573  1.00 0.00 ? 30 A B "H4'"  1 
ATOM 955  H "H3'"  . A B 2 14 ? 9.678   13.040  -9.140  1.00 0.00 ? 30 A B "H3'"  1 
ATOM 956  H "H2'"  . A B 2 14 ? 9.185   13.716  -6.898  1.00 0.00 ? 30 A B "H2'"  1 
ATOM 957  H "HO2'" . A B 2 14 ? 6.703   14.262  -8.075  1.00 0.00 ? 30 A B "HO2'" 1 
ATOM 958  H "H1'"  . A B 2 14 ? 7.053   11.930  -6.426  1.00 0.00 ? 30 A B "H1'"  1 
ATOM 959  H H8     . A B 2 14 ? 10.511  10.847  -7.865  1.00 0.00 ? 30 A B H8     1 
ATOM 960  H H61    . A B 2 14 ? 11.793  9.276   -1.994  1.00 0.00 ? 30 A B H61    1 
ATOM 961  H H62    . A B 2 14 ? 12.342  9.163   -3.655  1.00 0.00 ? 30 A B H62    1 
ATOM 962  H H2     . A B 2 14 ? 7.723   11.081  -2.083  1.00 0.00 ? 30 A B H2     1 
ATOM 963  P P      . G B 2 15 ? 8.974   15.811  -9.361  1.00 0.00 ? 31 G B P      1 
ATOM 964  O OP1    . G B 2 15 ? 8.291   16.865  -10.144 1.00 0.00 ? 31 G B OP1    1 
ATOM 965  O OP2    . G B 2 15 ? 10.413  15.544  -9.578  1.00 0.00 ? 31 G B OP2    1 
ATOM 966  O "O5'"  . G B 2 15 ? 8.749   16.121  -7.795  1.00 0.00 ? 31 G B "O5'"  1 
ATOM 967  C "C5'"  . G B 2 15 ? 7.671   16.959  -7.369  1.00 0.00 ? 31 G B "C5'"  1 
ATOM 968  C "C4'"  . G B 2 15 ? 7.722   17.228  -5.867  1.00 0.00 ? 31 G B "C4'"  1 
ATOM 969  O "O4'"  . G B 2 15 ? 8.016   16.012  -5.173  1.00 0.00 ? 31 G B "O4'"  1 
ATOM 970  C "C3'"  . G B 2 15 ? 8.820   18.177  -5.426  1.00 0.00 ? 31 G B "C3'"  1 
ATOM 971  O "O3'"  . G B 2 15 ? 8.260   19.493  -5.414  1.00 0.00 ? 31 G B "O3'"  1 
ATOM 972  C "C2'"  . G B 2 15 ? 9.058   17.780  -3.978  1.00 0.00 ? 31 G B "C2'"  1 
ATOM 973  O "O2'"  . G B 2 15 ? 8.105   18.412  -3.121  1.00 0.00 ? 31 G B "O2'"  1 
ATOM 974  C "C1'"  . G B 2 15 ? 8.827   16.269  -4.012  1.00 0.00 ? 31 G B "C1'"  1 
ATOM 975  N N9     . G B 2 15 ? 10.086  15.512  -4.140  1.00 0.00 ? 31 G B N9     1 
ATOM 976  C C8     . G B 2 15 ? 10.806  15.243  -5.274  1.00 0.00 ? 31 G B C8     1 
ATOM 977  N N7     . G B 2 15 ? 11.878  14.532  -5.060  1.00 0.00 ? 31 G B N7     1 
ATOM 978  C C5     . G B 2 15 ? 11.870  14.317  -3.687  1.00 0.00 ? 31 G B C5     1 
ATOM 979  C C6     . G B 2 15 ? 12.790  13.605  -2.871  1.00 0.00 ? 31 G B C6     1 
ATOM 980  O O6     . G B 2 15 ? 13.818  13.020  -3.210  1.00 0.00 ? 31 G B O6     1 
ATOM 981  N N1     . G B 2 15 ? 12.414  13.627  -1.538  1.00 0.00 ? 31 G B N1     1 
ATOM 982  C C2     . G B 2 15 ? 11.295  14.257  -1.043  1.00 0.00 ? 31 G B C2     1 
ATOM 983  N N2     . G B 2 15 ? 11.101  14.193  0.274   1.00 0.00 ? 31 G B N2     1 
ATOM 984  N N3     . G B 2 15 ? 10.422  14.928  -1.801  1.00 0.00 ? 31 G B N3     1 
ATOM 985  C C4     . G B 2 15 ? 10.774  14.915  -3.110  1.00 0.00 ? 31 G B C4     1 
ATOM 986  H "H5'"  . G B 2 15 ? 6.725   16.475  -7.611  1.00 0.00 ? 31 G B "H5'"  1 
ATOM 987  H "H5''" . G B 2 15 ? 7.729   17.910  -7.901  1.00 0.00 ? 31 G B "H5''" 1 
ATOM 988  H "H4'"  . G B 2 15 ? 6.747   17.593  -5.541  1.00 0.00 ? 31 G B "H4'"  1 
ATOM 989  H "H3'"  . G B 2 15 ? 9.716   18.121  -6.045  1.00 0.00 ? 31 G B "H3'"  1 
ATOM 990  H "H2'"  . G B 2 15 ? 10.076  18.008  -3.671  1.00 0.00 ? 31 G B "H2'"  1 
ATOM 991  H "HO2'" . G B 2 15 ? 7.338   18.628  -3.656  1.00 0.00 ? 31 G B "HO2'" 1 
ATOM 992  H "H1'"  . G B 2 15 ? 8.298   15.938  -3.120  1.00 0.00 ? 31 G B "H1'"  1 
ATOM 993  H H8     . G B 2 15 ? 10.511  15.594  -6.260  1.00 0.00 ? 31 G B H8     1 
ATOM 994  H H1     . G B 2 15 ? 13.001  13.128  -0.888  1.00 0.00 ? 31 G B H1     1 
ATOM 995  H H21    . G B 2 15 ? 11.798  13.765  0.867   1.00 0.00 ? 31 G B H21    1 
ATOM 996  H H22    . G B 2 15 ? 10.261  14.579  0.680   1.00 0.00 ? 31 G B H22    1 
ATOM 997  P P      . C B 2 16 ? 9.186   20.779  -5.695  1.00 0.00 ? 32 C B P      1 
ATOM 998  O OP1    . C B 2 16 ? 8.303   21.940  -5.949  1.00 0.00 ? 32 C B OP1    1 
ATOM 999  O OP2    . C B 2 16 ? 10.214  20.403  -6.691  1.00 0.00 ? 32 C B OP2    1 
ATOM 1000 O "O5'"  . C B 2 16 ? 9.915   21.003  -4.277  1.00 0.00 ? 32 C B "O5'"  1 
ATOM 1001 C "C5'"  . C B 2 16 ? 9.249   21.706  -3.225  1.00 0.00 ? 32 C B "C5'"  1 
ATOM 1002 C "C4'"  . C B 2 16 ? 10.082  21.728  -1.947  1.00 0.00 ? 32 C B "C4'"  1 
ATOM 1003 O "O4'"  . C B 2 16 ? 10.532  20.406  -1.653  1.00 0.00 ? 32 C B "O4'"  1 
ATOM 1004 C "C3'"  . C B 2 16 ? 11.364  22.536  -2.034  1.00 0.00 ? 32 C B "C3'"  1 
ATOM 1005 O "O3'"  . C B 2 16 ? 11.103  23.922  -1.791  1.00 0.00 ? 32 C B "O3'"  1 
ATOM 1006 C "C2'"  . C B 2 16 ? 12.177  21.934  -0.895  1.00 0.00 ? 32 C B "C2'"  1 
ATOM 1007 O "O2'"  . C B 2 16 ? 11.790  22.511  0.356   1.00 0.00 ? 32 C B "O2'"  1 
ATOM 1008 C "C1'"  . C B 2 16 ? 11.781  20.455  -0.947  1.00 0.00 ? 32 C B "C1'"  1 
ATOM 1009 N N1     . C B 2 16 ? 12.781  19.632  -1.670  1.00 0.00 ? 32 C B N1     1 
ATOM 1010 C C2     . C B 2 16 ? 13.902  19.222  -0.961  1.00 0.00 ? 32 C B C2     1 
ATOM 1011 O O2     . C B 2 16 ? 14.038  19.530  0.222   1.00 0.00 ? 32 C B O2     1 
ATOM 1012 N N3     . C B 2 16 ? 14.837  18.469  -1.599  1.00 0.00 ? 32 C B N3     1 
ATOM 1013 C C4     . C B 2 16 ? 14.685  18.124  -2.882  1.00 0.00 ? 32 C B C4     1 
ATOM 1014 N N4     . C B 2 16 ? 15.635  17.371  -3.440  1.00 0.00 ? 32 C B N4     1 
ATOM 1015 C C5     . C B 2 16 ? 13.535  18.541  -3.623  1.00 0.00 ? 32 C B C5     1 
ATOM 1016 C C6     . C B 2 16 ? 12.613  19.289  -2.984  1.00 0.00 ? 32 C B C6     1 
ATOM 1017 H "H5'"  . C B 2 16 ? 8.297   21.219  -3.020  1.00 0.00 ? 32 C B "H5'"  1 
ATOM 1018 H "H5''" . C B 2 16 ? 9.064   22.731  -3.545  1.00 0.00 ? 32 C B "H5''" 1 
ATOM 1019 H "H4'"  . C B 2 16 ? 9.458   22.081  -1.125  1.00 0.00 ? 32 C B "H4'"  1 
ATOM 1020 H "H3'"  . C B 2 16 ? 11.859  22.387  -2.993  1.00 0.00 ? 32 C B "H3'"  1 
ATOM 1021 H "HO3'" . C B 2 16 ? 11.917  24.312  -1.467  1.00 0.00 ? 32 C B "HO3'" 1 
ATOM 1022 H "H2'"  . C B 2 16 ? 13.246  22.058  -1.070  1.00 0.00 ? 32 C B "H2'"  1 
ATOM 1023 H "HO2'" . C B 2 16 ? 11.437  23.385  0.170   1.00 0.00 ? 32 C B "HO2'" 1 
ATOM 1024 H "H1'"  . C B 2 16 ? 11.637  20.055  0.058   1.00 0.00 ? 32 C B "H1'"  1 
ATOM 1025 H H41    . C B 2 16 ? 16.399  17.018  -2.874  1.00 0.00 ? 32 C B H41    1 
ATOM 1026 H H42    . C B 2 16 ? 15.590  17.147  -4.424  1.00 0.00 ? 32 C B H42    1 
ATOM 1027 H H5     . C B 2 16 ? 13.401  18.268  -4.669  1.00 0.00 ? 32 C B H5     1 
ATOM 1028 H H6     . C B 2 16 ? 11.728  19.622  -3.525  1.00 0.00 ? 32 C B H6     1 
# 
